data_5SY3
#
_entry.id   5SY3
#
_cell.length_a   139.192
_cell.length_b   139.192
_cell.length_c   139.192
_cell.angle_alpha   90.000
_cell.angle_beta   90.000
_cell.angle_gamma   90.000
#
_symmetry.space_group_name_H-M   'P 21 3'
#
loop_
_entity.id
_entity.type
_entity.pdbx_description
1 polymer Renin
2 branched 2-acetamido-2-deoxy-beta-D-glucopyranose-(1-4)-2-acetamido-2-deoxy-beta-D-glucopyranose
3 non-polymer 2-acetamido-2-deoxy-beta-D-glucopyranose
4 non-polymer N-[(furan-2-yl)methyl]-5,6,7,8-tetrahydro[1]benzothieno[2,3-d]pyrimidin-4-amine
5 non-polymer 'DIMETHYL SULFOXIDE'
6 non-polymer DI(HYDROXYETHYL)ETHER
7 non-polymer 'PENTAETHYLENE GLYCOL'
8 water water
#
_entity_poly.entity_id   1
_entity_poly.type   'polypeptide(L)'
_entity_poly.pdbx_seq_one_letter_code
;TLGNTTSSVILTNYMDTQYYGEIGIGTPPQTFKVVFDTGSSNVWVPSSKCSRLYTACVYHKLFDASDSSSYKHNGTELTL
RYSTGTVSGFLSQDIITVGGITVTQMFGEVTEMPALPFMLAEFDGVVGMGFIEQAIGRVTPIFDNIISQGVLKEDVFSFY
YNRDSENSQSLGGQIVLGGSDPQHYEGNFHYINLIKTGVWQIQMKGVSVGSSTLLCEDGCLALVDTGASYISGSTSSIEK
LMEALGAKKRLFDYVVKCNEGPTLPDISFHLGGKEYTLTSADYVFQESYSSKKLCTLAIHAMDIPPPTGPTWALGATFIR
KFYTEFDRRNNRIGFALAR
;
_entity_poly.pdbx_strand_id   A,B
#
loop_
_chem_comp.id
_chem_comp.type
_chem_comp.name
_chem_comp.formula
1PE non-polymer 'PENTAETHYLENE GLYCOL' 'C10 H22 O6'
74Z non-polymer N-[(furan-2-yl)methyl]-5,6,7,8-tetrahydro[1]benzothieno[2,3-d]pyrimidin-4-amine 'C15 H15 N3 O S'
DMS non-polymer 'DIMETHYL SULFOXIDE' 'C2 H6 O S'
NAG D-saccharide, beta linking 2-acetamido-2-deoxy-beta-D-glucopyranose 'C8 H15 N O6'
PEG non-polymer DI(HYDROXYETHYL)ETHER 'C4 H10 O3'
#
# COMPACT_ATOMS: atom_id res chain seq x y z
N GLY A 3 24.64 -9.86 0.06
CA GLY A 3 24.05 -9.14 1.22
C GLY A 3 23.78 -7.68 0.91
N ASN A 4 22.88 -7.43 -0.04
CA ASN A 4 22.63 -6.08 -0.56
C ASN A 4 21.15 -5.76 -0.81
N THR A 5 20.23 -6.58 -0.31
CA THR A 5 18.81 -6.40 -0.61
C THR A 5 18.00 -6.16 0.67
N THR A 6 16.99 -5.30 0.55
CA THR A 6 15.89 -5.26 1.49
C THR A 6 14.62 -5.58 0.71
N SER A 7 13.60 -6.02 1.43
CA SER A 7 12.29 -6.30 0.86
C SER A 7 11.25 -5.72 1.81
N SER A 8 10.40 -4.84 1.29
CA SER A 8 9.33 -4.27 2.08
C SER A 8 7.98 -4.86 1.68
N VAL A 9 7.13 -5.09 2.67
CA VAL A 9 5.75 -5.49 2.44
C VAL A 9 4.87 -4.45 3.13
N ILE A 10 4.00 -3.83 2.34
CA ILE A 10 3.02 -2.88 2.86
C ILE A 10 1.94 -3.66 3.60
N LEU A 11 1.47 -3.11 4.72
CA LEU A 11 0.49 -3.76 5.57
C LEU A 11 -0.81 -2.99 5.59
N THR A 12 -1.91 -3.74 5.63
CA THR A 12 -3.23 -3.22 5.87
C THR A 12 -3.42 -3.17 7.38
N ASN A 13 -3.95 -2.06 7.88
CA ASN A 13 -4.34 -1.91 9.27
C ASN A 13 -5.86 -2.04 9.33
N TYR A 14 -6.35 -3.15 9.87
CA TYR A 14 -7.77 -3.32 10.15
C TYR A 14 -8.04 -2.95 11.60
N MET A 15 -8.72 -1.82 11.80
CA MET A 15 -9.25 -1.42 13.11
C MET A 15 -8.23 -1.22 14.24
N ASP A 16 -6.96 -0.99 13.92
CA ASP A 16 -5.86 -0.96 14.92
C ASP A 16 -5.63 -2.27 15.67
N THR A 17 -6.29 -3.37 15.26
CA THR A 17 -6.17 -4.66 15.93
C THR A 17 -5.61 -5.78 15.06
N GLN A 18 -5.61 -5.62 13.73
CA GLN A 18 -5.01 -6.61 12.85
C GLN A 18 -4.21 -5.87 11.80
N TYR A 19 -2.97 -6.32 11.62
CA TYR A 19 -2.06 -5.80 10.63
C TYR A 19 -1.58 -6.98 9.83
N TYR A 20 -1.68 -6.87 8.51
CA TYR A 20 -1.33 -7.96 7.62
C TYR A 20 -0.98 -7.43 6.24
N GLY A 21 -0.13 -8.18 5.55
CA GLY A 21 0.29 -7.83 4.20
C GLY A 21 0.25 -9.08 3.38
N GLU A 22 0.73 -8.98 2.15
CA GLU A 22 0.62 -10.09 1.23
C GLU A 22 1.93 -10.85 0.98
N ILE A 23 1.79 -12.15 0.76
CA ILE A 23 2.85 -13.01 0.26
C ILE A 23 2.28 -13.75 -0.93
N GLY A 24 3.16 -14.27 -1.78
CA GLY A 24 2.79 -15.22 -2.83
C GLY A 24 3.23 -16.61 -2.43
N ILE A 25 2.46 -17.62 -2.79
CA ILE A 25 2.88 -19.01 -2.62
C ILE A 25 2.61 -19.73 -3.93
N GLY A 26 3.64 -20.34 -4.48
CA GLY A 26 3.53 -21.15 -5.70
C GLY A 26 4.10 -20.48 -6.93
N THR A 27 4.07 -21.24 -8.02
CA THR A 27 4.50 -20.80 -9.34
C THR A 27 3.37 -21.17 -10.31
N PRO A 28 2.59 -20.20 -10.78
CA PRO A 28 2.68 -18.77 -10.43
C PRO A 28 2.23 -18.49 -8.99
N PRO A 29 2.61 -17.32 -8.44
CA PRO A 29 2.27 -17.03 -7.05
C PRO A 29 0.77 -16.87 -6.81
N GLN A 30 0.26 -17.60 -5.83
CA GLN A 30 -1.06 -17.36 -5.27
C GLN A 30 -0.89 -16.42 -4.08
N THR A 31 -1.69 -15.35 -4.04
CA THR A 31 -1.54 -14.28 -3.05
C THR A 31 -2.38 -14.52 -1.81
N PHE A 32 -1.79 -14.36 -0.63
CA PHE A 32 -2.50 -14.45 0.65
C PHE A 32 -2.20 -13.27 1.55
N LYS A 33 -3.22 -12.81 2.26
CA LYS A 33 -3.05 -11.82 3.32
C LYS A 33 -2.56 -12.57 4.55
N VAL A 34 -1.44 -12.13 5.12
CA VAL A 34 -0.86 -12.81 6.29
C VAL A 34 -0.43 -11.85 7.39
N VAL A 35 -0.59 -12.27 8.63
CA VAL A 35 0.01 -11.58 9.77
C VAL A 35 1.45 -12.02 9.86
N PHE A 36 2.36 -11.06 9.97
CA PHE A 36 3.77 -11.35 10.23
C PHE A 36 3.93 -11.33 11.75
N ASP A 37 4.08 -12.51 12.34
CA ASP A 37 3.87 -12.72 13.78
C ASP A 37 5.17 -13.13 14.48
N THR A 38 5.76 -12.21 15.23
CA THR A 38 6.97 -12.52 16.01
C THR A 38 6.71 -13.43 17.20
N GLY A 39 5.46 -13.59 17.60
CA GLY A 39 5.09 -14.53 18.65
C GLY A 39 5.07 -16.01 18.28
N SER A 40 5.16 -16.32 16.98
CA SER A 40 5.18 -17.72 16.52
C SER A 40 6.19 -17.87 15.38
N SER A 41 6.38 -19.10 14.93
CA SER A 41 7.45 -19.41 13.96
C SER A 41 7.07 -20.31 12.78
N ASN A 42 5.79 -20.67 12.65
CA ASN A 42 5.31 -21.42 11.48
C ASN A 42 4.67 -20.53 10.44
N VAL A 43 4.80 -20.91 9.17
CA VAL A 43 4.04 -20.30 8.09
C VAL A 43 2.87 -21.22 7.78
N TRP A 44 1.69 -20.64 7.65
CA TRP A 44 0.55 -21.36 7.10
C TRP A 44 -0.44 -20.44 6.42
N VAL A 45 -1.20 -21.03 5.52
CA VAL A 45 -2.34 -20.40 4.86
C VAL A 45 -3.44 -21.46 4.79
N PRO A 46 -4.70 -21.03 4.60
CA PRO A 46 -5.76 -22.02 4.44
C PRO A 46 -5.60 -22.81 3.13
N SER A 47 -5.97 -24.10 3.17
CA SER A 47 -5.82 -25.01 2.03
C SER A 47 -7.11 -25.15 1.25
N SER A 48 -7.00 -25.40 -0.06
CA SER A 48 -8.17 -25.80 -0.88
C SER A 48 -8.80 -27.14 -0.45
N LYS A 49 -8.08 -27.91 0.38
CA LYS A 49 -8.61 -29.12 0.99
C LYS A 49 -9.35 -28.85 2.30
N CYS A 50 -9.48 -27.57 2.69
CA CYS A 50 -10.34 -27.17 3.81
C CYS A 50 -11.82 -27.28 3.43
N SER A 51 -12.55 -28.08 4.20
CA SER A 51 -14.00 -28.18 4.12
C SER A 51 -14.69 -26.80 4.14
N ARG A 52 -15.70 -26.63 3.31
CA ARG A 52 -16.50 -25.38 3.28
C ARG A 52 -17.53 -25.32 4.42
N LEU A 53 -17.60 -26.36 5.26
CA LEU A 53 -18.39 -26.33 6.49
C LEU A 53 -17.68 -25.57 7.61
N TYR A 54 -16.36 -25.40 7.49
CA TYR A 54 -15.65 -24.34 8.19
C TYR A 54 -15.95 -23.05 7.43
N THR A 55 -16.77 -22.19 8.02
CA THR A 55 -17.16 -20.95 7.38
C THR A 55 -15.96 -20.08 7.03
N ALA A 56 -14.91 -20.12 7.86
CA ALA A 56 -13.66 -19.40 7.56
C ALA A 56 -13.01 -19.79 6.23
N CYS A 57 -13.22 -21.03 5.78
CA CYS A 57 -12.67 -21.50 4.51
C CYS A 57 -13.53 -21.15 3.29
N VAL A 58 -14.72 -20.58 3.52
CA VAL A 58 -15.51 -19.96 2.46
C VAL A 58 -15.05 -18.51 2.26
N TYR A 59 -14.77 -17.78 3.35
CA TYR A 59 -14.48 -16.34 3.28
C TYR A 59 -12.97 -15.99 3.29
N HIS A 60 -12.10 -16.99 3.18
CA HIS A 60 -10.67 -16.76 3.02
C HIS A 60 -10.14 -17.44 1.78
N LYS A 61 -9.02 -16.92 1.28
CA LYS A 61 -8.38 -17.47 0.11
C LYS A 61 -7.71 -18.80 0.48
N LEU A 62 -7.83 -19.77 -0.42
CA LEU A 62 -7.31 -21.11 -0.21
C LEU A 62 -6.16 -21.42 -1.16
N PHE A 63 -5.10 -22.01 -0.63
CA PHE A 63 -3.99 -22.46 -1.46
C PHE A 63 -4.34 -23.74 -2.20
N ASP A 64 -4.31 -23.67 -3.53
CA ASP A 64 -4.53 -24.83 -4.39
C ASP A 64 -3.17 -25.32 -4.88
N ALA A 65 -2.71 -26.43 -4.29
CA ALA A 65 -1.38 -26.98 -4.58
C ALA A 65 -1.22 -27.48 -6.02
N SER A 66 -2.31 -27.99 -6.62
CA SER A 66 -2.27 -28.49 -7.99
C SER A 66 -2.07 -27.40 -9.06
N ASP A 67 -2.28 -26.14 -8.68
CA ASP A 67 -1.99 -25.01 -9.56
C ASP A 67 -0.54 -24.47 -9.49
N SER A 68 0.31 -25.07 -8.66
CA SER A 68 1.70 -24.63 -8.51
C SER A 68 2.67 -25.68 -9.04
N SER A 69 3.46 -25.31 -10.04
CA SER A 69 4.46 -26.22 -10.64
C SER A 69 5.65 -26.50 -9.70
N SER A 70 5.87 -25.62 -8.71
CA SER A 70 6.96 -25.76 -7.74
C SER A 70 6.54 -26.37 -6.40
N TYR A 71 5.27 -26.75 -6.26
CA TYR A 71 4.78 -27.43 -5.05
C TYR A 71 5.46 -28.78 -4.90
N LYS A 72 5.88 -29.09 -3.67
CA LYS A 72 6.37 -30.41 -3.33
C LYS A 72 5.60 -30.91 -2.10
N HIS A 73 5.05 -32.11 -2.24
CA HIS A 73 4.29 -32.79 -1.19
C HIS A 73 5.14 -33.07 0.05
N ASN A 74 4.52 -32.95 1.22
CA ASN A 74 5.08 -33.54 2.44
C ASN A 74 3.98 -34.36 3.12
N GLY A 75 2.96 -33.68 3.67
CA GLY A 75 1.78 -34.35 4.23
C GLY A 75 1.75 -34.56 5.74
N THR A 76 2.85 -34.25 6.44
CA THR A 76 2.91 -34.37 7.88
C THR A 76 1.90 -33.42 8.52
N GLU A 77 1.01 -33.97 9.35
CA GLU A 77 -0.02 -33.17 10.01
C GLU A 77 0.58 -32.42 11.18
N LEU A 78 0.09 -31.20 11.41
CA LEU A 78 0.50 -30.38 12.56
C LEU A 78 -0.66 -29.54 13.05
N THR A 79 -0.68 -29.30 14.36
CA THR A 79 -1.67 -28.46 15.01
C THR A 79 -0.91 -27.27 15.60
N LEU A 80 -1.43 -26.07 15.36
CA LEU A 80 -0.84 -24.83 15.87
C LEU A 80 -1.84 -24.21 16.83
N ARG A 81 -1.45 -24.13 18.11
CA ARG A 81 -2.32 -23.67 19.19
C ARG A 81 -1.89 -22.25 19.60
N TYR A 82 -2.67 -21.26 19.19
CA TYR A 82 -2.42 -19.85 19.53
C TYR A 82 -3.23 -19.45 20.75
N SER A 83 -2.98 -18.25 21.27
CA SER A 83 -3.72 -17.72 22.41
C SER A 83 -5.21 -17.58 22.09
N THR A 84 -5.52 -17.09 20.90
CA THR A 84 -6.91 -16.84 20.49
C THR A 84 -7.59 -18.04 19.81
N GLY A 85 -6.82 -19.00 19.30
CA GLY A 85 -7.40 -20.15 18.60
C GLY A 85 -6.45 -21.19 18.08
N THR A 86 -7.01 -22.29 17.59
CA THR A 86 -6.24 -23.44 17.11
C THR A 86 -6.55 -23.73 15.65
N VAL A 87 -5.50 -24.01 14.88
CA VAL A 87 -5.63 -24.56 13.52
C VAL A 87 -4.83 -25.84 13.43
N SER A 88 -5.28 -26.74 12.56
CA SER A 88 -4.46 -27.86 12.16
C SER A 88 -4.55 -28.06 10.65
N GLY A 89 -3.56 -28.78 10.14
CA GLY A 89 -3.39 -28.99 8.72
C GLY A 89 -2.16 -29.84 8.47
N PHE A 90 -1.66 -29.81 7.24
CA PHE A 90 -0.53 -30.64 6.82
C PHE A 90 0.56 -29.78 6.19
N LEU A 91 1.81 -30.25 6.31
CA LEU A 91 2.96 -29.53 5.78
C LEU A 91 3.07 -29.70 4.28
N SER A 92 3.49 -28.62 3.63
CA SER A 92 3.75 -28.56 2.20
C SER A 92 4.97 -27.70 1.96
N GLN A 93 5.53 -27.79 0.76
CA GLN A 93 6.70 -26.99 0.41
C GLN A 93 6.49 -26.36 -0.94
N ASP A 94 6.86 -25.08 -1.04
CA ASP A 94 6.74 -24.33 -2.26
C ASP A 94 7.55 -23.05 -2.15
N ILE A 95 7.65 -22.32 -3.24
CA ILE A 95 8.32 -21.02 -3.27
C ILE A 95 7.36 -19.96 -2.72
N ILE A 96 7.78 -19.25 -1.68
CA ILE A 96 7.02 -18.14 -1.11
C ILE A 96 7.66 -16.81 -1.52
N THR A 97 6.85 -15.91 -2.07
CA THR A 97 7.31 -14.58 -2.46
C THR A 97 6.93 -13.58 -1.37
N VAL A 98 7.91 -12.86 -0.83
CA VAL A 98 7.72 -11.83 0.18
C VAL A 98 8.39 -10.55 -0.35
N GLY A 99 7.59 -9.59 -0.81
CA GLY A 99 8.10 -8.42 -1.52
C GLY A 99 8.96 -8.82 -2.69
N GLY A 100 10.20 -8.37 -2.72
CA GLY A 100 11.12 -8.75 -3.80
C GLY A 100 11.91 -10.04 -3.60
N ILE A 101 11.61 -10.80 -2.55
CA ILE A 101 12.37 -12.01 -2.20
C ILE A 101 11.53 -13.28 -2.45
N THR A 102 12.17 -14.31 -3.01
CA THR A 102 11.59 -15.65 -3.10
C THR A 102 12.40 -16.63 -2.26
N VAL A 103 11.71 -17.60 -1.68
CA VAL A 103 12.33 -18.54 -0.77
C VAL A 103 11.55 -19.85 -0.78
N THR A 104 12.26 -20.96 -0.89
CA THR A 104 11.63 -22.27 -0.78
C THR A 104 11.36 -22.49 0.70
N GLN A 105 10.08 -22.64 1.02
CA GLN A 105 9.63 -22.66 2.41
C GLN A 105 8.68 -23.81 2.64
N MET A 106 8.83 -24.46 3.79
CA MET A 106 7.84 -25.41 4.28
C MET A 106 6.79 -24.64 5.08
N PHE A 107 5.54 -24.93 4.80
CA PHE A 107 4.42 -24.21 5.41
C PHE A 107 3.23 -25.15 5.60
N GLY A 108 2.28 -24.70 6.43
CA GLY A 108 1.08 -25.46 6.71
C GLY A 108 -0.02 -25.14 5.71
N GLU A 109 -0.69 -26.18 5.24
CA GLU A 109 -1.93 -26.07 4.52
C GLU A 109 -3.03 -26.39 5.52
N VAL A 110 -3.67 -25.35 6.03
CA VAL A 110 -4.65 -25.49 7.11
C VAL A 110 -5.98 -26.00 6.56
N THR A 111 -6.45 -27.09 7.15
CA THR A 111 -7.71 -27.74 6.80
C THR A 111 -8.78 -27.60 7.88
N GLU A 112 -8.38 -27.14 9.08
CA GLU A 112 -9.31 -27.00 10.21
C GLU A 112 -9.15 -25.59 10.75
N MET A 113 -10.21 -24.80 10.56
CA MET A 113 -10.17 -23.36 10.74
C MET A 113 -11.47 -22.94 11.43
N PRO A 114 -11.50 -23.00 12.78
CA PRO A 114 -12.76 -22.75 13.49
C PRO A 114 -13.19 -21.27 13.45
N ALA A 115 -14.50 -21.06 13.45
CA ALA A 115 -15.10 -19.73 13.32
C ALA A 115 -14.56 -18.76 14.38
N LEU A 116 -14.42 -19.23 15.61
CA LEU A 116 -13.71 -18.49 16.65
C LEU A 116 -12.24 -18.97 16.63
N PRO A 117 -11.27 -18.14 16.22
CA PRO A 117 -11.39 -16.71 15.90
C PRO A 117 -11.36 -16.37 14.40
N PHE A 118 -11.30 -17.37 13.53
CA PHE A 118 -10.95 -17.08 12.13
C PHE A 118 -12.04 -16.45 11.29
N MET A 119 -13.29 -16.44 11.75
CA MET A 119 -14.31 -15.63 11.10
C MET A 119 -14.21 -14.14 11.43
N LEU A 120 -13.42 -13.78 12.43
CA LEU A 120 -13.08 -12.37 12.68
C LEU A 120 -11.66 -11.99 12.22
N ALA A 121 -10.92 -12.92 11.63
CA ALA A 121 -9.61 -12.64 11.04
C ALA A 121 -9.82 -12.14 9.62
N GLU A 122 -9.35 -10.91 9.35
CA GLU A 122 -9.43 -10.35 8.01
C GLU A 122 -8.34 -10.87 7.11
N PHE A 123 -7.32 -11.47 7.73
CA PHE A 123 -6.20 -12.08 7.04
C PHE A 123 -6.53 -13.56 6.81
N ASP A 124 -5.76 -14.16 5.91
CA ASP A 124 -5.90 -15.57 5.54
C ASP A 124 -5.04 -16.46 6.42
N GLY A 125 -3.78 -16.08 6.58
CA GLY A 125 -2.81 -16.89 7.31
C GLY A 125 -1.75 -16.13 8.08
N VAL A 126 -0.68 -16.85 8.43
CA VAL A 126 0.32 -16.37 9.36
C VAL A 126 1.70 -16.73 8.86
N VAL A 127 2.62 -15.77 8.94
CA VAL A 127 4.03 -15.98 8.67
C VAL A 127 4.74 -15.77 9.99
N GLY A 128 5.14 -16.88 10.61
CA GLY A 128 5.82 -16.84 11.90
C GLY A 128 7.20 -16.23 11.76
N MET A 129 7.48 -15.18 12.54
CA MET A 129 8.76 -14.47 12.50
C MET A 129 9.63 -14.77 13.72
N GLY A 130 9.27 -15.79 14.48
CA GLY A 130 10.00 -16.23 15.66
C GLY A 130 11.07 -17.24 15.34
N PHE A 131 11.65 -17.84 16.38
CA PHE A 131 12.81 -18.70 16.22
C PHE A 131 12.34 -20.14 16.01
N ILE A 132 13.25 -20.97 15.49
CA ILE A 132 12.99 -22.38 15.25
C ILE A 132 12.60 -23.13 16.51
N GLU A 133 13.14 -22.71 17.67
CA GLU A 133 12.82 -23.35 18.95
C GLU A 133 11.30 -23.36 19.24
N GLN A 134 10.59 -22.34 18.77
CA GLN A 134 9.13 -22.25 18.91
C GLN A 134 8.34 -22.76 17.70
N ALA A 135 9.03 -23.24 16.67
CA ALA A 135 8.38 -23.79 15.49
C ALA A 135 7.81 -25.18 15.76
N ILE A 136 6.51 -25.37 15.49
CA ILE A 136 5.88 -26.69 15.60
C ILE A 136 6.42 -27.58 14.48
N GLY A 137 6.77 -28.81 14.85
CA GLY A 137 7.44 -29.74 13.94
C GLY A 137 8.91 -29.43 13.66
N ARG A 138 9.48 -28.44 14.36
CA ARG A 138 10.86 -27.98 14.10
C ARG A 138 11.08 -27.60 12.62
N VAL A 139 10.06 -27.00 12.01
CA VAL A 139 10.13 -26.58 10.61
C VAL A 139 10.94 -25.29 10.57
N THR A 140 11.91 -25.23 9.66
CA THR A 140 12.76 -24.05 9.53
C THR A 140 11.89 -22.83 9.21
N PRO A 141 11.92 -21.80 10.08
CA PRO A 141 11.10 -20.60 9.79
C PRO A 141 11.56 -19.82 8.57
N ILE A 142 10.64 -19.06 7.97
CA ILE A 142 10.92 -18.39 6.71
C ILE A 142 12.09 -17.41 6.77
N PHE A 143 12.23 -16.68 7.86
CA PHE A 143 13.33 -15.72 7.98
C PHE A 143 14.69 -16.43 8.10
N ASP A 144 14.73 -17.56 8.81
CA ASP A 144 15.97 -18.36 8.85
C ASP A 144 16.39 -18.82 7.45
N ASN A 145 15.43 -19.27 6.65
CA ASN A 145 15.70 -19.64 5.25
C ASN A 145 16.12 -18.47 4.39
N ILE A 146 15.51 -17.30 4.59
CA ILE A 146 15.95 -16.08 3.91
C ILE A 146 17.37 -15.67 4.36
N ILE A 147 17.68 -15.76 5.65
CA ILE A 147 19.06 -15.53 6.12
C ILE A 147 20.04 -16.44 5.36
N SER A 148 19.71 -17.71 5.18
CA SER A 148 20.55 -18.68 4.44
C SER A 148 20.90 -18.26 3.02
N GLN A 149 20.03 -17.50 2.37
CA GLN A 149 20.31 -16.99 1.02
C GLN A 149 21.46 -16.00 0.97
N GLY A 150 21.70 -15.27 2.07
CA GLY A 150 22.76 -14.26 2.10
C GLY A 150 22.51 -13.15 1.12
N VAL A 151 21.24 -12.78 0.96
CA VAL A 151 20.82 -11.65 0.12
C VAL A 151 20.52 -10.40 0.97
N LEU A 152 20.03 -10.59 2.19
CA LEU A 152 19.69 -9.46 3.07
C LEU A 152 20.91 -8.61 3.44
N LYS A 153 20.75 -7.30 3.42
CA LYS A 153 21.78 -6.36 3.88
C LYS A 153 22.15 -6.59 5.36
N GLU A 154 21.14 -6.85 6.19
CA GLU A 154 21.32 -7.19 7.60
C GLU A 154 20.34 -8.29 8.00
N ASP A 155 20.71 -9.09 9.00
CA ASP A 155 19.80 -10.12 9.54
C ASP A 155 18.86 -9.51 10.57
N VAL A 156 18.05 -8.57 10.12
CA VAL A 156 17.05 -7.88 10.93
C VAL A 156 15.79 -7.74 10.10
N PHE A 157 14.69 -7.45 10.77
CA PHE A 157 13.48 -7.07 10.11
C PHE A 157 12.72 -6.11 11.00
N SER A 158 11.99 -5.22 10.35
CA SER A 158 11.40 -4.10 11.05
C SER A 158 9.91 -4.01 10.79
N PHE A 159 9.18 -3.49 11.78
CA PHE A 159 7.74 -3.32 11.73
C PHE A 159 7.37 -1.87 11.99
N TYR A 160 6.56 -1.33 11.07
CA TYR A 160 5.84 -0.09 11.27
C TYR A 160 4.36 -0.44 11.28
N TYR A 161 3.67 -0.09 12.36
CA TYR A 161 2.22 -0.16 12.40
C TYR A 161 1.68 1.26 12.53
N ASN A 162 0.90 1.70 11.55
CA ASN A 162 0.27 3.02 11.62
C ASN A 162 -0.98 2.99 12.50
N ARG A 163 -1.43 4.19 12.89
CA ARG A 163 -2.74 4.38 13.54
C ARG A 163 -3.82 4.47 12.47
N ASP A 164 -5.08 4.32 12.88
CA ASP A 164 -6.27 4.26 11.98
C ASP A 164 -6.35 2.98 11.15
N GLN A 169 -6.50 7.50 1.82
CA GLN A 169 -6.15 6.81 3.06
C GLN A 169 -4.66 6.93 3.35
N SER A 170 -4.23 6.25 4.40
CA SER A 170 -2.83 6.19 4.79
C SER A 170 -2.30 4.77 4.67
N LEU A 171 -0.99 4.65 4.69
CA LEU A 171 -0.32 3.36 4.78
C LEU A 171 -0.69 2.70 6.12
N GLY A 172 -1.20 1.47 6.07
CA GLY A 172 -1.60 0.75 7.27
C GLY A 172 -0.40 0.31 8.10
N GLY A 173 0.69 0.00 7.42
CA GLY A 173 1.94 -0.31 8.08
C GLY A 173 2.94 -0.83 7.08
N GLN A 174 4.06 -1.32 7.58
CA GLN A 174 5.14 -1.78 6.73
C GLN A 174 6.10 -2.69 7.46
N ILE A 175 6.40 -3.84 6.84
CA ILE A 175 7.48 -4.70 7.32
C ILE A 175 8.63 -4.54 6.35
N VAL A 176 9.83 -4.37 6.88
CA VAL A 176 11.04 -4.36 6.04
C VAL A 176 11.88 -5.55 6.45
N LEU A 177 12.15 -6.46 5.52
CA LEU A 177 13.15 -7.50 5.72
C LEU A 177 14.52 -6.99 5.29
N GLY A 178 15.53 -7.12 6.13
CA GLY A 178 16.90 -6.75 5.79
C GLY A 178 17.31 -5.37 6.25
N GLY A 179 16.38 -4.62 6.83
CA GLY A 179 16.71 -3.31 7.36
C GLY A 179 15.50 -2.63 7.95
N SER A 180 15.51 -1.31 7.88
CA SER A 180 14.45 -0.48 8.44
C SER A 180 14.13 0.64 7.45
N ASP A 181 13.03 1.35 7.72
CA ASP A 181 12.60 2.43 6.87
C ASP A 181 12.58 3.71 7.69
N PRO A 182 13.63 4.53 7.59
CA PRO A 182 13.66 5.77 8.39
C PRO A 182 12.59 6.82 8.06
N GLN A 183 11.83 6.67 6.97
CA GLN A 183 10.63 7.50 6.77
C GLN A 183 9.58 7.30 7.88
N HIS A 184 9.58 6.15 8.53
CA HIS A 184 8.57 5.85 9.56
C HIS A 184 9.04 5.83 11.01
N TYR A 185 10.20 6.41 11.29
CA TYR A 185 10.61 6.65 12.68
C TYR A 185 11.52 7.86 12.82
N GLU A 186 11.55 8.41 14.04
CA GLU A 186 12.36 9.58 14.39
C GLU A 186 13.60 9.14 15.12
N GLY A 187 14.71 9.79 14.80
CA GLY A 187 15.96 9.56 15.50
C GLY A 187 16.51 8.18 15.27
N ASN A 188 17.15 7.64 16.31
CA ASN A 188 17.92 6.40 16.21
C ASN A 188 17.38 5.35 17.14
N PHE A 189 17.58 4.09 16.77
CA PHE A 189 17.18 2.99 17.62
C PHE A 189 17.97 2.96 18.94
N HIS A 190 17.26 2.67 20.03
CA HIS A 190 17.84 2.07 21.24
C HIS A 190 17.39 0.61 21.28
N TYR A 191 18.33 -0.30 21.52
CA TYR A 191 18.10 -1.74 21.53
C TYR A 191 18.06 -2.35 22.93
N ILE A 192 17.26 -3.40 23.09
CA ILE A 192 17.21 -4.20 24.31
C ILE A 192 17.53 -5.63 23.93
N ASN A 193 18.50 -6.22 24.60
CA ASN A 193 18.93 -7.59 24.30
C ASN A 193 17.88 -8.60 24.75
N LEU A 194 17.80 -9.72 24.04
CA LEU A 194 16.91 -10.79 24.44
C LEU A 194 17.46 -11.43 25.71
N ILE A 195 16.57 -11.94 26.54
CA ILE A 195 16.97 -12.70 27.75
C ILE A 195 17.73 -13.96 27.32
N LYS A 196 17.15 -14.67 26.35
CA LYS A 196 17.81 -15.81 25.73
C LYS A 196 17.36 -15.94 24.28
N THR A 197 18.14 -16.67 23.48
CA THR A 197 17.74 -16.95 22.10
C THR A 197 16.50 -17.84 22.09
N GLY A 198 15.74 -17.81 20.99
CA GLY A 198 14.60 -18.72 20.79
C GLY A 198 13.21 -18.12 20.96
N VAL A 199 13.15 -16.90 21.50
CA VAL A 199 11.88 -16.22 21.70
C VAL A 199 12.15 -14.71 21.74
N TRP A 200 11.29 -13.92 21.09
CA TRP A 200 11.45 -12.46 21.06
C TRP A 200 10.95 -11.84 22.37
N GLN A 201 11.69 -12.09 23.43
CA GLN A 201 11.29 -11.72 24.77
C GLN A 201 12.45 -11.04 25.48
N ILE A 202 12.14 -9.95 26.17
CA ILE A 202 13.12 -9.10 26.82
C ILE A 202 12.71 -8.88 28.26
N GLN A 203 13.68 -8.46 29.08
CA GLN A 203 13.42 -8.11 30.45
C GLN A 203 12.80 -6.73 30.49
N MET A 204 11.82 -6.56 31.37
CA MET A 204 11.22 -5.27 31.65
C MET A 204 11.41 -4.97 33.13
N LYS A 205 11.82 -3.74 33.43
CA LYS A 205 12.26 -3.35 34.77
C LYS A 205 11.27 -2.46 35.51
N GLY A 206 10.01 -2.41 35.06
CA GLY A 206 9.01 -1.55 35.67
C GLY A 206 7.93 -1.13 34.69
N VAL A 207 6.70 -1.11 35.18
CA VAL A 207 5.58 -0.50 34.45
C VAL A 207 5.04 0.58 35.34
N SER A 208 5.14 1.84 34.88
CA SER A 208 4.73 2.98 35.68
C SER A 208 3.44 3.59 35.18
N VAL A 209 2.64 4.08 36.12
CA VAL A 209 1.42 4.82 35.86
C VAL A 209 1.69 6.22 36.42
N GLY A 210 1.84 7.19 35.53
CA GLY A 210 2.41 8.49 35.90
C GLY A 210 3.88 8.32 36.27
N SER A 211 4.29 8.94 37.38
CA SER A 211 5.66 8.82 37.89
C SER A 211 5.87 7.68 38.90
N SER A 212 4.80 6.97 39.27
CA SER A 212 4.88 5.88 40.26
C SER A 212 4.88 4.49 39.58
N THR A 213 5.97 3.75 39.78
CA THR A 213 6.09 2.37 39.30
C THR A 213 5.23 1.42 40.13
N LEU A 214 4.01 1.19 39.67
CA LEU A 214 3.05 0.33 40.36
C LEU A 214 3.32 -1.15 40.14
N LEU A 215 3.80 -1.50 38.95
CA LEU A 215 3.85 -2.90 38.50
C LEU A 215 5.22 -3.30 38.00
N CYS A 216 5.46 -4.62 38.00
CA CYS A 216 6.71 -5.20 37.54
C CYS A 216 7.91 -4.57 38.28
N GLU A 217 7.74 -4.34 39.58
CA GLU A 217 8.71 -3.62 40.41
C GLU A 217 10.01 -4.41 40.59
N ASP A 218 9.90 -5.73 40.62
CA ASP A 218 11.06 -6.63 40.71
C ASP A 218 11.51 -7.17 39.37
N GLY A 219 11.05 -6.57 38.26
CA GLY A 219 11.35 -7.07 36.94
C GLY A 219 10.35 -8.12 36.48
N CYS A 220 10.26 -8.27 35.17
CA CYS A 220 9.30 -9.18 34.54
C CYS A 220 9.70 -9.35 33.08
N LEU A 221 8.89 -10.09 32.32
CA LEU A 221 9.17 -10.44 30.94
C LEU A 221 8.27 -9.63 30.02
N ALA A 222 8.77 -9.30 28.83
CA ALA A 222 7.98 -8.64 27.79
C ALA A 222 8.27 -9.32 26.47
N LEU A 223 7.27 -10.03 25.97
CA LEU A 223 7.28 -10.63 24.66
C LEU A 223 6.91 -9.53 23.68
N VAL A 224 7.77 -9.24 22.70
CA VAL A 224 7.47 -8.21 21.72
C VAL A 224 6.83 -8.92 20.56
N ASP A 225 5.50 -8.80 20.49
CA ASP A 225 4.67 -9.72 19.71
C ASP A 225 3.88 -8.99 18.64
N THR A 226 4.35 -9.09 17.40
CA THR A 226 3.77 -8.33 16.29
C THR A 226 2.40 -8.86 15.84
N GLY A 227 2.06 -10.08 16.24
CA GLY A 227 0.75 -10.66 15.97
C GLY A 227 -0.28 -10.51 17.08
N ALA A 228 0.07 -9.75 18.13
CA ALA A 228 -0.84 -9.42 19.23
C ALA A 228 -1.34 -8.00 19.03
N SER A 229 -2.63 -7.79 19.29
CA SER A 229 -3.28 -6.52 19.07
C SER A 229 -2.89 -5.52 20.14
N TYR A 230 -2.73 -5.99 21.37
CA TYR A 230 -2.68 -5.11 22.52
C TYR A 230 -1.37 -5.20 23.24
N ILE A 231 -1.19 -4.29 24.19
CA ILE A 231 -0.24 -4.52 25.26
C ILE A 231 -1.00 -5.41 26.23
N SER A 232 -0.39 -6.50 26.65
CA SER A 232 -1.03 -7.34 27.65
C SER A 232 -0.11 -7.62 28.79
N GLY A 233 -0.73 -7.87 29.94
CA GLY A 233 -0.07 -8.44 31.10
C GLY A 233 -0.98 -9.51 31.67
N SER A 234 -0.55 -10.16 32.75
CA SER A 234 -1.38 -11.16 33.43
C SER A 234 -2.67 -10.53 33.93
N THR A 235 -3.67 -11.38 34.21
CA THR A 235 -4.94 -10.94 34.77
C THR A 235 -4.73 -10.09 36.02
N SER A 236 -3.86 -10.55 36.90
CA SER A 236 -3.50 -9.85 38.14
C SER A 236 -2.86 -8.48 37.89
N SER A 237 -1.92 -8.42 36.95
CA SER A 237 -1.22 -7.19 36.61
C SER A 237 -2.17 -6.14 36.05
N ILE A 238 -2.96 -6.55 35.05
CA ILE A 238 -3.90 -5.67 34.37
C ILE A 238 -5.02 -5.24 35.31
N GLU A 239 -5.46 -6.11 36.21
CA GLU A 239 -6.41 -5.72 37.24
C GLU A 239 -5.90 -4.53 38.05
N LYS A 240 -4.62 -4.59 38.46
CA LYS A 240 -3.99 -3.51 39.23
C LYS A 240 -3.80 -2.27 38.39
N LEU A 241 -3.40 -2.45 37.14
CA LEU A 241 -3.23 -1.34 36.21
C LEU A 241 -4.55 -0.59 36.01
N MET A 242 -5.63 -1.33 35.75
CA MET A 242 -6.92 -0.74 35.45
C MET A 242 -7.52 -0.05 36.66
N GLU A 243 -7.29 -0.63 37.82
CA GLU A 243 -7.68 -0.03 39.09
C GLU A 243 -6.95 1.30 39.32
N ALA A 244 -5.67 1.36 38.96
CA ALA A 244 -4.89 2.60 39.04
C ALA A 244 -5.42 3.68 38.08
N LEU A 245 -5.87 3.26 36.90
CA LEU A 245 -6.46 4.17 35.92
C LEU A 245 -7.91 4.63 36.17
N GLY A 246 -8.65 3.94 37.04
CA GLY A 246 -10.09 4.17 37.19
C GLY A 246 -10.96 3.48 36.13
N ALA A 247 -10.35 2.59 35.34
CA ALA A 247 -11.07 1.82 34.32
C ALA A 247 -11.82 0.65 34.94
N LYS A 248 -12.99 0.33 34.39
CA LYS A 248 -13.86 -0.73 34.91
C LYS A 248 -14.14 -1.76 33.84
N LYS A 249 -14.39 -2.98 34.27
CA LYS A 249 -14.62 -4.11 33.36
C LYS A 249 -16.09 -4.13 32.90
N ARG A 250 -16.32 -3.66 31.68
CA ARG A 250 -17.63 -3.80 31.01
C ARG A 250 -17.69 -5.18 30.41
N LEU A 251 -18.49 -6.06 31.01
CA LEU A 251 -18.79 -7.39 30.46
C LEU A 251 -17.59 -8.19 29.91
N PHE A 252 -17.01 -7.74 28.80
CA PHE A 252 -15.83 -8.37 28.20
C PHE A 252 -14.50 -7.61 28.38
N ASP A 253 -14.55 -6.27 28.39
CA ASP A 253 -13.34 -5.44 28.31
C ASP A 253 -13.32 -4.34 29.37
N TYR A 254 -12.15 -3.75 29.57
CA TYR A 254 -12.02 -2.57 30.42
C TYR A 254 -12.39 -1.30 29.65
N VAL A 255 -13.11 -0.40 30.33
CA VAL A 255 -13.56 0.84 29.72
C VAL A 255 -13.43 2.03 30.67
N VAL A 256 -13.33 3.21 30.05
CA VAL A 256 -13.47 4.49 30.73
C VAL A 256 -14.53 5.30 29.99
N LYS A 257 -15.07 6.31 30.66
CA LYS A 257 -15.89 7.31 29.97
C LYS A 257 -14.98 7.97 28.95
N CYS A 258 -15.44 8.02 27.69
CA CYS A 258 -14.61 8.55 26.59
C CYS A 258 -14.05 9.96 26.85
N ASN A 259 -14.87 10.83 27.44
CA ASN A 259 -14.39 12.17 27.84
C ASN A 259 -13.25 12.15 28.86
N GLU A 260 -13.18 11.12 29.69
CA GLU A 260 -12.14 11.03 30.72
C GLU A 260 -10.84 10.42 30.23
N GLY A 261 -10.81 9.90 29.01
CA GLY A 261 -9.58 9.35 28.43
C GLY A 261 -8.37 10.28 28.49
N PRO A 262 -8.53 11.54 28.04
CA PRO A 262 -7.43 12.50 28.10
C PRO A 262 -6.96 12.92 29.50
N THR A 263 -7.68 12.52 30.56
CA THR A 263 -7.27 12.78 31.95
C THR A 263 -6.38 11.67 32.47
N LEU A 264 -6.33 10.54 31.76
CA LEU A 264 -5.61 9.38 32.28
C LEU A 264 -4.11 9.58 32.20
N PRO A 265 -3.38 9.04 33.18
CA PRO A 265 -1.94 9.25 33.18
C PRO A 265 -1.21 8.44 32.10
N ASP A 266 0.01 8.86 31.81
CA ASP A 266 0.90 8.10 30.96
C ASP A 266 1.25 6.77 31.61
N ILE A 267 1.44 5.75 30.79
CA ILE A 267 1.93 4.46 31.23
C ILE A 267 3.30 4.28 30.57
N SER A 268 4.31 4.01 31.38
CA SER A 268 5.68 3.83 30.90
C SER A 268 6.17 2.42 31.14
N PHE A 269 6.88 1.89 30.16
CA PHE A 269 7.45 0.56 30.22
C PHE A 269 8.96 0.73 30.27
N HIS A 270 9.57 0.29 31.37
CA HIS A 270 11.01 0.40 31.58
C HIS A 270 11.75 -0.76 30.90
N LEU A 271 12.34 -0.48 29.74
CA LEU A 271 13.03 -1.48 28.93
C LEU A 271 14.45 -1.01 28.65
N GLY A 272 15.44 -1.78 29.07
CA GLY A 272 16.85 -1.52 28.74
C GLY A 272 17.37 -0.14 29.13
N GLY A 273 17.01 0.32 30.32
CA GLY A 273 17.47 1.64 30.80
C GLY A 273 16.81 2.85 30.17
N LYS A 274 15.72 2.63 29.43
CA LYS A 274 14.89 3.70 28.87
C LYS A 274 13.45 3.49 29.30
N GLU A 275 12.72 4.59 29.42
CA GLU A 275 11.30 4.59 29.70
C GLU A 275 10.54 4.76 28.39
N TYR A 276 9.78 3.74 28.00
CA TYR A 276 8.93 3.77 26.81
C TYR A 276 7.53 4.17 27.24
N THR A 277 7.16 5.40 26.95
CA THR A 277 5.98 6.02 27.52
C THR A 277 4.86 6.14 26.49
N LEU A 278 3.69 5.61 26.83
CA LEU A 278 2.47 5.81 26.07
C LEU A 278 1.56 6.77 26.83
N THR A 279 1.00 7.76 26.11
CA THR A 279 -0.03 8.64 26.66
C THR A 279 -1.36 7.93 26.54
N SER A 280 -2.37 8.48 27.19
CA SER A 280 -3.74 7.99 27.06
C SER A 280 -4.24 7.99 25.60
N ALA A 281 -3.78 8.94 24.78
CA ALA A 281 -4.08 8.93 23.35
C ALA A 281 -3.51 7.69 22.64
N ASP A 282 -2.43 7.12 23.19
CA ASP A 282 -1.81 5.89 22.65
C ASP A 282 -2.44 4.59 23.16
N TYR A 283 -3.17 4.63 24.27
CA TYR A 283 -3.76 3.39 24.82
C TYR A 283 -5.27 3.39 25.01
N VAL A 284 -5.94 4.53 24.81
CA VAL A 284 -7.39 4.57 24.85
C VAL A 284 -7.87 4.63 23.41
N PHE A 285 -8.75 3.70 23.03
CA PHE A 285 -9.42 3.79 21.75
C PHE A 285 -10.48 4.87 21.85
N GLN A 286 -10.10 6.09 21.44
CA GLN A 286 -10.99 7.24 21.51
C GLN A 286 -11.91 7.26 20.29
N GLU A 287 -12.84 6.31 20.26
CA GLU A 287 -13.87 6.25 19.21
C GLU A 287 -14.80 7.44 19.34
N SER A 288 -14.80 8.05 20.53
CA SER A 288 -15.49 9.29 20.80
C SER A 288 -14.72 10.03 21.90
N TYR A 289 -15.11 11.27 22.21
CA TYR A 289 -14.70 11.95 23.44
C TYR A 289 -15.93 12.29 24.27
N SER A 290 -17.01 11.54 24.05
CA SER A 290 -18.29 11.86 24.64
C SER A 290 -18.35 11.43 26.09
N SER A 291 -18.87 12.30 26.96
CA SER A 291 -19.22 11.94 28.33
C SER A 291 -20.39 10.95 28.42
N LYS A 292 -21.07 10.71 27.30
CA LYS A 292 -22.20 9.81 27.24
C LYS A 292 -21.86 8.44 26.64
N LYS A 293 -20.59 8.22 26.30
CA LYS A 293 -20.14 6.95 25.72
C LYS A 293 -18.94 6.36 26.47
N LEU A 294 -18.77 5.05 26.33
CA LEU A 294 -17.67 4.32 26.93
C LEU A 294 -16.66 3.96 25.88
N CYS A 295 -15.39 4.09 26.25
CA CYS A 295 -14.25 3.85 25.37
C CYS A 295 -13.38 2.76 25.97
N THR A 296 -12.97 1.81 25.13
CA THR A 296 -12.16 0.69 25.55
C THR A 296 -10.70 1.08 25.47
N LEU A 297 -9.87 0.38 26.22
CA LEU A 297 -8.42 0.57 26.20
C LEU A 297 -7.76 -0.51 25.36
N ALA A 298 -6.61 -0.17 24.77
CA ALA A 298 -5.81 -1.10 23.98
C ALA A 298 -4.80 -1.89 24.84
N ILE A 299 -5.27 -2.27 26.02
CA ILE A 299 -4.50 -3.02 27.02
C ILE A 299 -5.47 -4.06 27.59
N HIS A 300 -5.10 -5.33 27.48
CA HIS A 300 -5.97 -6.46 27.87
C HIS A 300 -5.19 -7.44 28.76
N ALA A 301 -5.91 -8.17 29.61
CA ALA A 301 -5.32 -9.29 30.34
C ALA A 301 -5.09 -10.43 29.37
N MET A 302 -3.93 -11.07 29.50
CA MET A 302 -3.66 -12.30 28.74
C MET A 302 -2.69 -13.15 29.53
N ASP A 303 -3.20 -14.26 30.05
CA ASP A 303 -2.39 -15.20 30.81
C ASP A 303 -1.72 -16.14 29.82
N ILE A 304 -0.45 -15.85 29.53
CA ILE A 304 0.33 -16.64 28.59
C ILE A 304 0.97 -17.77 29.39
N PRO A 305 0.73 -19.04 29.00
CA PRO A 305 1.25 -20.15 29.83
C PRO A 305 2.78 -20.34 29.74
N PRO A 306 3.37 -21.11 30.68
CA PRO A 306 4.80 -21.48 30.57
C PRO A 306 5.07 -22.40 29.36
N PRO A 307 6.30 -22.42 28.83
CA PRO A 307 7.47 -21.71 29.39
C PRO A 307 7.61 -20.23 28.98
N THR A 308 6.92 -19.78 27.93
CA THR A 308 7.01 -18.38 27.50
C THR A 308 6.52 -17.38 28.56
N GLY A 309 5.46 -17.74 29.27
CA GLY A 309 4.88 -16.88 30.33
C GLY A 309 5.00 -17.49 31.71
N PRO A 310 4.45 -16.83 32.75
CA PRO A 310 3.72 -15.56 32.63
C PRO A 310 4.57 -14.42 32.08
N THR A 311 3.96 -13.57 31.26
CA THR A 311 4.69 -12.49 30.62
C THR A 311 3.78 -11.41 30.11
N TRP A 312 4.31 -10.19 30.07
CA TRP A 312 3.67 -9.13 29.34
C TRP A 312 3.92 -9.39 27.88
N ALA A 313 3.03 -8.87 27.05
CA ALA A 313 3.19 -8.93 25.62
C ALA A 313 3.03 -7.51 25.10
N LEU A 314 4.04 -7.02 24.40
CA LEU A 314 3.99 -5.71 23.78
C LEU A 314 3.59 -5.91 22.33
N GLY A 315 2.32 -5.71 22.06
CA GLY A 315 1.74 -5.93 20.73
C GLY A 315 1.56 -4.64 19.97
N ALA A 316 0.53 -4.60 19.13
CA ALA A 316 0.37 -3.49 18.17
C ALA A 316 0.26 -2.13 18.84
N THR A 317 -0.39 -2.07 20.01
CA THR A 317 -0.48 -0.82 20.79
C THR A 317 0.91 -0.22 21.03
N PHE A 318 1.84 -1.04 21.47
CA PHE A 318 3.21 -0.60 21.70
C PHE A 318 3.92 -0.25 20.41
N ILE A 319 3.77 -1.11 19.40
CA ILE A 319 4.47 -0.97 18.13
C ILE A 319 4.03 0.28 17.38
N ARG A 320 2.74 0.61 17.48
CA ARG A 320 2.24 1.89 16.94
C ARG A 320 3.03 3.08 17.45
N LYS A 321 3.32 3.08 18.73
CA LYS A 321 4.09 4.17 19.34
C LYS A 321 5.58 4.03 18.95
N PHE A 322 6.10 2.81 19.03
CA PHE A 322 7.52 2.55 18.79
C PHE A 322 7.77 1.60 17.62
N TYR A 323 8.21 2.17 16.50
CA TYR A 323 8.73 1.41 15.38
C TYR A 323 9.78 0.44 15.92
N THR A 324 9.68 -0.81 15.50
CA THR A 324 10.40 -1.92 16.13
C THR A 324 11.26 -2.65 15.12
N GLU A 325 12.54 -2.84 15.43
CA GLU A 325 13.45 -3.66 14.64
C GLU A 325 13.81 -4.93 15.42
N PHE A 326 13.60 -6.09 14.80
CA PHE A 326 13.95 -7.39 15.38
C PHE A 326 15.26 -7.80 14.76
N ASP A 327 16.28 -7.99 15.59
CA ASP A 327 17.66 -8.17 15.14
C ASP A 327 18.14 -9.58 15.49
N ARG A 328 18.14 -10.44 14.49
CA ARG A 328 18.65 -11.82 14.64
C ARG A 328 20.18 -11.94 14.66
N ARG A 329 20.90 -10.96 14.11
CA ARG A 329 22.37 -10.97 14.19
C ARG A 329 22.84 -10.82 15.64
N ASN A 330 22.14 -9.99 16.40
CA ASN A 330 22.51 -9.67 17.77
C ASN A 330 21.53 -10.14 18.84
N ASN A 331 20.42 -10.79 18.45
CA ASN A 331 19.36 -11.18 19.41
C ASN A 331 19.00 -10.01 20.32
N ARG A 332 18.46 -8.99 19.68
CA ARG A 332 17.99 -7.82 20.38
C ARG A 332 16.84 -7.20 19.59
N ILE A 333 16.12 -6.31 20.26
CA ILE A 333 14.99 -5.59 19.68
C ILE A 333 15.25 -4.09 19.82
N GLY A 334 15.18 -3.39 18.69
CA GLY A 334 15.37 -1.95 18.64
C GLY A 334 14.03 -1.23 18.61
N PHE A 335 13.97 -0.10 19.30
CA PHE A 335 12.79 0.73 19.30
C PHE A 335 13.18 2.15 18.92
N ALA A 336 12.34 2.78 18.11
CA ALA A 336 12.40 4.22 17.89
C ALA A 336 10.99 4.73 17.76
N LEU A 337 10.83 6.03 18.02
CA LEU A 337 9.52 6.67 17.98
C LEU A 337 8.99 6.63 16.55
N ALA A 338 7.82 6.00 16.36
CA ALA A 338 7.19 5.89 15.03
C ALA A 338 6.68 7.24 14.53
N ARG A 339 6.55 7.38 13.21
CA ARG A 339 5.92 8.55 12.60
C ARG A 339 5.22 8.25 11.28
N THR B 1 20.18 9.77 -29.76
CA THR B 1 21.31 10.15 -28.84
C THR B 1 20.86 10.07 -27.38
N LEU B 2 21.69 9.42 -26.55
CA LEU B 2 21.48 9.30 -25.11
C LEU B 2 22.63 9.97 -24.36
N GLY B 3 22.29 10.80 -23.37
CA GLY B 3 23.28 11.44 -22.49
C GLY B 3 23.55 10.59 -21.26
N ASN B 4 23.81 11.26 -20.13
CA ASN B 4 23.91 10.59 -18.82
C ASN B 4 23.03 11.23 -17.72
N THR B 5 22.12 12.12 -18.12
CA THR B 5 21.25 12.80 -17.18
C THR B 5 20.04 11.92 -16.83
N THR B 6 19.72 11.88 -15.55
CA THR B 6 18.44 11.39 -15.05
C THR B 6 17.82 12.59 -14.35
N SER B 7 16.51 12.70 -14.45
CA SER B 7 15.80 13.81 -13.86
C SER B 7 14.55 13.29 -13.19
N SER B 8 14.07 14.00 -12.19
CA SER B 8 12.86 13.55 -11.49
C SER B 8 11.90 14.70 -11.21
N VAL B 9 10.61 14.41 -11.36
CA VAL B 9 9.54 15.33 -11.00
C VAL B 9 8.90 14.80 -9.71
N ILE B 10 8.89 15.64 -8.69
CA ILE B 10 8.25 15.31 -7.41
C ILE B 10 6.75 15.54 -7.58
N LEU B 11 5.96 14.55 -7.18
CA LEU B 11 4.50 14.67 -7.27
C LEU B 11 3.83 14.77 -5.90
N THR B 12 2.73 15.52 -5.88
CA THR B 12 1.82 15.60 -4.76
C THR B 12 0.67 14.63 -5.03
N ASN B 13 0.27 13.91 -3.99
CA ASN B 13 -0.86 12.99 -4.06
C ASN B 13 -2.06 13.65 -3.36
N TYR B 14 -3.03 14.08 -4.18
CA TYR B 14 -4.31 14.57 -3.68
C TYR B 14 -5.33 13.40 -3.59
N MET B 15 -5.64 13.00 -2.35
CA MET B 15 -6.67 11.96 -2.02
C MET B 15 -6.67 10.67 -2.87
N ASP B 16 -5.47 10.24 -3.29
CA ASP B 16 -5.30 9.06 -4.14
C ASP B 16 -5.93 9.13 -5.52
N THR B 17 -6.42 10.29 -5.95
CA THR B 17 -7.06 10.44 -7.26
C THR B 17 -6.29 11.34 -8.24
N GLN B 18 -5.51 12.30 -7.73
CA GLN B 18 -4.80 13.24 -8.59
C GLN B 18 -3.35 13.34 -8.15
N TYR B 19 -2.44 12.94 -9.04
CA TYR B 19 -1.02 12.97 -8.77
C TYR B 19 -0.43 14.02 -9.70
N TYR B 20 0.09 15.10 -9.13
CA TYR B 20 0.55 16.22 -9.94
C TYR B 20 1.90 16.76 -9.45
N GLY B 21 2.67 17.30 -10.40
CA GLY B 21 3.93 17.99 -10.11
C GLY B 21 3.91 19.40 -10.67
N GLU B 22 5.01 20.12 -10.47
CA GLU B 22 5.15 21.50 -10.89
C GLU B 22 5.98 21.56 -12.17
N ILE B 23 5.51 22.34 -13.13
CA ILE B 23 6.33 22.76 -14.27
C ILE B 23 6.39 24.28 -14.31
N GLY B 24 7.43 24.80 -14.96
CA GLY B 24 7.54 26.22 -15.25
C GLY B 24 7.34 26.46 -16.73
N ILE B 25 6.54 27.46 -17.11
CA ILE B 25 6.36 27.89 -18.50
C ILE B 25 6.68 29.37 -18.64
N GLY B 26 7.54 29.71 -19.60
CA GLY B 26 7.86 31.10 -19.89
C GLY B 26 9.10 31.63 -19.20
N THR B 27 9.41 32.87 -19.56
CA THR B 27 10.48 33.65 -18.96
C THR B 27 9.88 34.96 -18.44
N PRO B 28 9.90 35.21 -17.12
CA PRO B 28 10.33 34.27 -16.10
C PRO B 28 9.32 33.11 -15.95
N PRO B 29 9.71 32.02 -15.25
CA PRO B 29 8.84 30.85 -15.16
C PRO B 29 7.49 31.15 -14.49
N GLN B 30 6.40 30.73 -15.13
CA GLN B 30 5.07 30.72 -14.52
C GLN B 30 4.84 29.26 -14.15
N THR B 31 4.53 29.03 -12.88
CA THR B 31 4.47 27.67 -12.34
C THR B 31 3.06 27.11 -12.44
N PHE B 32 2.94 25.84 -12.84
CA PHE B 32 1.67 25.14 -12.96
C PHE B 32 1.73 23.76 -12.32
N LYS B 33 0.59 23.38 -11.72
CA LYS B 33 0.36 22.02 -11.28
C LYS B 33 -0.16 21.24 -12.46
N VAL B 34 0.50 20.13 -12.79
CA VAL B 34 0.13 19.32 -13.94
C VAL B 34 0.16 17.83 -13.62
N VAL B 35 -0.80 17.12 -14.22
CA VAL B 35 -0.84 15.67 -14.25
C VAL B 35 0.01 15.21 -15.41
N PHE B 36 0.80 14.17 -15.20
CA PHE B 36 1.56 13.55 -16.28
C PHE B 36 0.79 12.31 -16.73
N ASP B 37 0.29 12.37 -17.96
CA ASP B 37 -0.76 11.48 -18.49
C ASP B 37 -0.24 10.66 -19.68
N THR B 38 0.00 9.38 -19.47
CA THR B 38 0.37 8.47 -20.56
C THR B 38 -0.79 8.17 -21.52
N GLY B 39 -2.01 8.49 -21.12
CA GLY B 39 -3.17 8.34 -21.98
C GLY B 39 -3.34 9.39 -23.06
N SER B 40 -2.62 10.50 -22.96
CA SER B 40 -2.70 11.57 -23.93
C SER B 40 -1.31 12.09 -24.26
N SER B 41 -1.19 12.95 -25.27
CA SER B 41 0.09 13.42 -25.78
C SER B 41 0.25 14.94 -25.92
N ASN B 42 -0.75 15.71 -25.56
CA ASN B 42 -0.64 17.17 -25.59
C ASN B 42 -0.31 17.72 -24.22
N VAL B 43 0.41 18.83 -24.22
CA VAL B 43 0.54 19.67 -23.04
C VAL B 43 -0.47 20.79 -23.16
N TRP B 44 -1.14 21.08 -22.05
CA TRP B 44 -1.91 22.31 -21.95
C TRP B 44 -1.96 22.83 -20.53
N VAL B 45 -2.17 24.13 -20.42
CA VAL B 45 -2.46 24.81 -19.16
C VAL B 45 -3.58 25.82 -19.43
N PRO B 46 -4.30 26.26 -18.38
CA PRO B 46 -5.28 27.32 -18.58
C PRO B 46 -4.62 28.64 -19.02
N SER B 47 -5.33 29.39 -19.87
CA SER B 47 -4.83 30.63 -20.45
C SER B 47 -5.38 31.84 -19.72
N SER B 48 -4.60 32.91 -19.66
CA SER B 48 -5.11 34.23 -19.25
C SER B 48 -6.23 34.73 -20.19
N LYS B 49 -6.27 34.23 -21.42
CA LYS B 49 -7.36 34.50 -22.38
C LYS B 49 -8.66 33.73 -22.11
N CYS B 50 -8.66 32.80 -21.16
CA CYS B 50 -9.87 32.13 -20.72
C CYS B 50 -10.83 33.11 -20.06
N SER B 51 -12.01 33.25 -20.62
CA SER B 51 -13.06 34.06 -20.01
C SER B 51 -13.26 33.64 -18.56
N ARG B 52 -13.43 34.62 -17.67
CA ARG B 52 -13.61 34.34 -16.26
C ARG B 52 -15.03 33.91 -15.94
N LEU B 53 -15.90 33.90 -16.95
CA LEU B 53 -17.16 33.16 -16.88
C LEU B 53 -16.94 31.66 -16.73
N TYR B 54 -15.78 31.14 -17.18
CA TYR B 54 -15.33 29.81 -16.80
C TYR B 54 -14.72 29.89 -15.38
N THR B 55 -15.49 29.44 -14.41
CA THR B 55 -15.09 29.52 -13.01
C THR B 55 -13.80 28.75 -12.73
N ALA B 56 -13.56 27.67 -13.48
CA ALA B 56 -12.30 26.94 -13.41
C ALA B 56 -11.07 27.82 -13.68
N CYS B 57 -11.23 28.79 -14.57
CA CYS B 57 -10.19 29.78 -14.86
C CYS B 57 -10.07 30.90 -13.84
N VAL B 58 -11.10 31.08 -13.02
CA VAL B 58 -10.99 31.95 -11.85
C VAL B 58 -10.14 31.26 -10.77
N TYR B 59 -10.26 29.95 -10.64
CA TYR B 59 -9.61 29.19 -9.57
C TYR B 59 -8.20 28.69 -9.88
N HIS B 60 -7.90 28.38 -11.14
CA HIS B 60 -6.58 27.86 -11.51
C HIS B 60 -5.59 28.94 -11.95
N LYS B 61 -4.32 28.55 -11.95
CA LYS B 61 -3.26 29.39 -12.49
C LYS B 61 -3.43 29.51 -14.00
N LEU B 62 -3.28 30.72 -14.50
CA LEU B 62 -3.47 31.01 -15.92
C LEU B 62 -2.15 31.40 -16.51
N PHE B 63 -1.77 30.80 -17.64
CA PHE B 63 -0.56 31.20 -18.34
C PHE B 63 -0.82 32.51 -19.04
N ASP B 64 0.02 33.49 -18.76
CA ASP B 64 -0.11 34.80 -19.37
C ASP B 64 1.06 35.02 -20.32
N ALA B 65 0.80 34.85 -21.61
CA ALA B 65 1.79 35.07 -22.68
C ALA B 65 2.39 36.47 -22.65
N SER B 66 1.57 37.46 -22.25
CA SER B 66 2.02 38.83 -22.12
C SER B 66 3.03 39.10 -20.99
N ASP B 67 3.29 38.11 -20.14
CA ASP B 67 4.33 38.20 -19.12
C ASP B 67 5.57 37.34 -19.43
N SER B 68 5.60 36.69 -20.59
CA SER B 68 6.74 35.85 -21.01
C SER B 68 7.48 36.44 -22.20
N SER B 69 8.77 36.69 -22.03
CA SER B 69 9.60 37.18 -23.11
C SER B 69 10.07 36.06 -24.07
N SER B 70 9.85 34.81 -23.71
CA SER B 70 10.24 33.67 -24.55
C SER B 70 9.06 33.06 -25.32
N TYR B 71 7.88 33.62 -25.13
CA TYR B 71 6.69 33.21 -25.86
C TYR B 71 6.81 33.38 -27.36
N LYS B 72 6.27 32.42 -28.10
CA LYS B 72 6.13 32.50 -29.55
C LYS B 72 4.71 32.12 -29.92
N HIS B 73 4.03 33.06 -30.55
CA HIS B 73 2.64 32.89 -30.94
C HIS B 73 2.47 31.78 -31.96
N ASN B 74 1.34 31.08 -31.89
CA ASN B 74 0.91 30.26 -33.02
C ASN B 74 -0.55 30.51 -33.31
N GLY B 75 -1.40 30.24 -32.31
CA GLY B 75 -2.80 30.61 -32.39
C GLY B 75 -3.73 29.61 -33.05
N THR B 76 -3.21 28.46 -33.48
CA THR B 76 -4.06 27.42 -34.07
C THR B 76 -4.98 26.81 -33.00
N GLU B 77 -6.27 26.73 -33.32
CA GLU B 77 -7.27 26.23 -32.39
C GLU B 77 -7.21 24.72 -32.23
N LEU B 78 -7.33 24.26 -30.99
CA LEU B 78 -7.32 22.83 -30.67
C LEU B 78 -8.35 22.55 -29.57
N THR B 79 -8.99 21.39 -29.69
CA THR B 79 -9.87 20.87 -28.67
C THR B 79 -9.28 19.51 -28.26
N LEU B 80 -9.13 19.32 -26.95
CA LEU B 80 -8.60 18.09 -26.37
C LEU B 80 -9.71 17.42 -25.60
N ARG B 81 -10.12 16.24 -26.08
CA ARG B 81 -11.24 15.51 -25.53
C ARG B 81 -10.71 14.36 -24.70
N TYR B 82 -10.87 14.45 -23.38
CA TYR B 82 -10.60 13.36 -22.44
C TYR B 82 -11.89 12.61 -22.14
N SER B 83 -11.76 11.50 -21.43
CA SER B 83 -12.93 10.66 -21.13
C SER B 83 -13.87 11.33 -20.11
N THR B 84 -13.32 12.17 -19.23
CA THR B 84 -14.12 12.84 -18.20
C THR B 84 -14.42 14.30 -18.48
N GLY B 85 -13.99 14.82 -19.64
CA GLY B 85 -14.17 16.23 -19.93
C GLY B 85 -13.30 16.73 -21.05
N THR B 86 -13.58 17.96 -21.48
CA THR B 86 -12.97 18.54 -22.67
C THR B 86 -12.44 19.93 -22.38
N VAL B 87 -11.32 20.28 -23.00
CA VAL B 87 -10.82 21.65 -23.02
C VAL B 87 -10.60 22.09 -24.45
N SER B 88 -10.71 23.40 -24.65
CA SER B 88 -10.42 23.98 -25.94
C SER B 88 -9.58 25.24 -25.76
N GLY B 89 -8.90 25.62 -26.83
CA GLY B 89 -8.06 26.80 -26.82
C GLY B 89 -7.20 26.87 -28.06
N PHE B 90 -5.98 27.34 -27.92
CA PHE B 90 -5.08 27.55 -29.06
C PHE B 90 -3.64 27.20 -28.69
N LEU B 91 -2.83 26.93 -29.70
CA LEU B 91 -1.44 26.54 -29.47
C LEU B 91 -0.53 27.73 -29.29
N SER B 92 0.43 27.56 -28.40
CA SER B 92 1.47 28.53 -28.18
C SER B 92 2.76 27.78 -28.01
N GLN B 93 3.86 28.52 -28.05
CA GLN B 93 5.15 27.94 -27.82
C GLN B 93 5.90 28.76 -26.77
N ASP B 94 6.56 28.06 -25.87
CA ASP B 94 7.43 28.71 -24.89
C ASP B 94 8.40 27.69 -24.30
N ILE B 95 9.32 28.17 -23.47
CA ILE B 95 10.22 27.27 -22.75
C ILE B 95 9.49 26.66 -21.55
N ILE B 96 9.48 25.34 -21.47
CA ILE B 96 8.92 24.62 -20.33
C ILE B 96 10.09 23.99 -19.57
N THR B 97 10.05 24.13 -18.25
CA THR B 97 11.00 23.49 -17.35
C THR B 97 10.24 22.38 -16.62
N VAL B 98 10.74 21.15 -16.78
CA VAL B 98 10.21 19.98 -16.07
C VAL B 98 11.39 19.21 -15.51
N GLY B 99 11.42 19.03 -14.20
CA GLY B 99 12.52 18.39 -13.48
C GLY B 99 13.90 18.95 -13.79
N GLY B 100 14.02 20.27 -13.84
CA GLY B 100 15.29 20.89 -14.19
C GLY B 100 15.76 20.73 -15.63
N ILE B 101 14.92 20.16 -16.51
CA ILE B 101 15.21 20.11 -17.95
C ILE B 101 14.38 21.19 -18.60
N THR B 102 15.02 22.02 -19.42
CA THR B 102 14.34 23.08 -20.13
C THR B 102 14.18 22.66 -21.58
N VAL B 103 12.97 22.84 -22.09
CA VAL B 103 12.64 22.46 -23.46
C VAL B 103 11.70 23.48 -24.09
N THR B 104 11.92 23.78 -25.37
CA THR B 104 11.00 24.61 -26.15
C THR B 104 9.85 23.70 -26.56
N GLN B 105 8.64 24.07 -26.14
CA GLN B 105 7.48 23.21 -26.28
C GLN B 105 6.27 23.95 -26.83
N MET B 106 5.61 23.35 -27.81
CA MET B 106 4.28 23.77 -28.23
C MET B 106 3.25 23.18 -27.27
N PHE B 107 2.37 24.02 -26.74
CA PHE B 107 1.36 23.59 -25.77
C PHE B 107 0.07 24.34 -26.01
N GLY B 108 -1.01 23.81 -25.45
CA GLY B 108 -2.33 24.42 -25.54
C GLY B 108 -2.52 25.45 -24.46
N GLU B 109 -2.92 26.66 -24.86
CA GLU B 109 -3.46 27.65 -23.95
C GLU B 109 -4.98 27.46 -23.97
N VAL B 110 -5.52 26.98 -22.86
CA VAL B 110 -6.93 26.64 -22.77
C VAL B 110 -7.75 27.87 -22.39
N THR B 111 -8.73 28.17 -23.24
CA THR B 111 -9.62 29.29 -23.05
C THR B 111 -11.03 28.86 -22.72
N GLU B 112 -11.34 27.57 -22.88
CA GLU B 112 -12.65 27.03 -22.53
C GLU B 112 -12.44 25.79 -21.68
N MET B 113 -12.87 25.89 -20.43
CA MET B 113 -12.51 24.95 -19.38
C MET B 113 -13.73 24.73 -18.48
N PRO B 114 -14.56 23.72 -18.81
CA PRO B 114 -15.82 23.47 -18.11
C PRO B 114 -15.67 23.29 -16.60
N ALA B 115 -16.54 23.96 -15.84
CA ALA B 115 -16.54 23.91 -14.38
C ALA B 115 -16.63 22.48 -13.87
N LEU B 116 -17.53 21.69 -14.46
CA LEU B 116 -17.48 20.23 -14.28
C LEU B 116 -16.78 19.66 -15.52
N PRO B 117 -15.62 19.00 -15.39
CA PRO B 117 -15.02 18.54 -14.14
C PRO B 117 -13.89 19.43 -13.55
N PHE B 118 -13.51 20.52 -14.21
CA PHE B 118 -12.21 21.15 -13.89
C PHE B 118 -12.16 21.95 -12.61
N MET B 119 -13.31 22.34 -12.08
CA MET B 119 -13.38 22.83 -10.69
C MET B 119 -13.02 21.78 -9.65
N LEU B 120 -13.06 20.49 -10.01
CA LEU B 120 -12.68 19.43 -9.10
C LEU B 120 -11.22 19.01 -9.27
N ALA B 121 -10.47 19.70 -10.14
CA ALA B 121 -9.05 19.41 -10.35
C ALA B 121 -8.19 20.30 -9.45
N GLU B 122 -7.32 19.67 -8.66
CA GLU B 122 -6.26 20.39 -7.95
C GLU B 122 -5.22 20.87 -8.95
N PHE B 123 -4.94 20.05 -9.94
CA PHE B 123 -4.02 20.41 -11.00
C PHE B 123 -4.63 21.52 -11.88
N ASP B 124 -3.73 22.25 -12.54
CA ASP B 124 -4.10 23.27 -13.50
C ASP B 124 -4.18 22.73 -14.92
N GLY B 125 -3.22 21.88 -15.28
CA GLY B 125 -3.11 21.39 -16.64
C GLY B 125 -2.60 19.97 -16.73
N VAL B 126 -2.28 19.56 -17.95
CA VAL B 126 -1.85 18.20 -18.25
C VAL B 126 -0.61 18.24 -19.11
N VAL B 127 0.32 17.34 -18.80
CA VAL B 127 1.47 17.06 -19.63
C VAL B 127 1.24 15.65 -20.15
N GLY B 128 0.87 15.54 -21.43
CA GLY B 128 0.71 14.25 -22.08
C GLY B 128 2.06 13.56 -22.28
N MET B 129 2.13 12.29 -21.90
CA MET B 129 3.34 11.47 -21.99
C MET B 129 3.19 10.38 -23.04
N GLY B 130 2.15 10.50 -23.86
CA GLY B 130 1.89 9.54 -24.91
C GLY B 130 2.69 9.87 -26.15
N PHE B 131 2.34 9.20 -27.24
CA PHE B 131 3.10 9.28 -28.47
C PHE B 131 2.57 10.40 -29.34
N ILE B 132 3.38 10.86 -30.28
CA ILE B 132 2.96 11.93 -31.21
C ILE B 132 1.75 11.50 -32.03
N GLU B 133 1.62 10.21 -32.33
CA GLU B 133 0.45 9.67 -33.03
C GLU B 133 -0.90 10.05 -32.41
N GLN B 134 -0.95 10.18 -31.09
CA GLN B 134 -2.20 10.56 -30.40
C GLN B 134 -2.30 12.05 -30.11
N ALA B 135 -1.31 12.84 -30.55
CA ALA B 135 -1.27 14.26 -30.24
C ALA B 135 -2.20 14.99 -31.18
N ILE B 136 -3.12 15.77 -30.60
CA ILE B 136 -4.00 16.63 -31.37
C ILE B 136 -3.15 17.72 -32.01
N GLY B 137 -3.39 17.99 -33.29
CA GLY B 137 -2.56 18.90 -34.08
C GLY B 137 -1.20 18.34 -34.49
N ARG B 138 -0.92 17.06 -34.21
CA ARG B 138 0.40 16.46 -34.47
C ARG B 138 1.55 17.27 -33.82
N VAL B 139 1.25 17.87 -32.67
CA VAL B 139 2.22 18.67 -31.91
C VAL B 139 3.21 17.70 -31.25
N THR B 140 4.51 17.99 -31.38
CA THR B 140 5.55 17.11 -30.80
C THR B 140 5.37 17.06 -29.28
N PRO B 141 5.12 15.85 -28.72
CA PRO B 141 4.97 15.78 -27.27
C PRO B 141 6.27 16.07 -26.53
N ILE B 142 6.15 16.49 -25.28
CA ILE B 142 7.30 17.02 -24.54
C ILE B 142 8.41 16.01 -24.32
N PHE B 143 8.06 14.74 -24.09
CA PHE B 143 9.09 13.73 -23.90
C PHE B 143 9.89 13.53 -25.17
N ASP B 144 9.22 13.51 -26.33
CA ASP B 144 9.91 13.51 -27.63
C ASP B 144 10.87 14.69 -27.76
N ASN B 145 10.46 15.88 -27.32
CA ASN B 145 11.35 17.04 -27.38
C ASN B 145 12.55 16.93 -26.43
N ILE B 146 12.36 16.31 -25.27
CA ILE B 146 13.46 16.09 -24.31
C ILE B 146 14.43 15.05 -24.86
N ILE B 147 13.91 13.99 -25.47
CA ILE B 147 14.76 12.96 -26.08
C ILE B 147 15.66 13.51 -27.18
N SER B 148 15.13 14.42 -27.99
CA SER B 148 15.92 15.08 -29.06
C SER B 148 17.13 15.86 -28.57
N GLN B 149 17.09 16.31 -27.31
CA GLN B 149 18.21 17.04 -26.71
C GLN B 149 19.43 16.16 -26.40
N GLY B 150 19.24 14.84 -26.32
CA GLY B 150 20.34 13.91 -26.11
C GLY B 150 20.96 13.92 -24.72
N VAL B 151 20.16 14.29 -23.71
CA VAL B 151 20.66 14.39 -22.33
C VAL B 151 20.23 13.21 -21.45
N LEU B 152 19.04 12.65 -21.69
CA LEU B 152 18.55 11.52 -20.90
C LEU B 152 19.37 10.27 -21.18
N LYS B 153 19.81 9.60 -20.11
CA LYS B 153 20.54 8.33 -20.19
C LYS B 153 19.78 7.24 -20.93
N GLU B 154 18.46 7.22 -20.78
CA GLU B 154 17.61 6.20 -21.41
C GLU B 154 16.34 6.84 -21.98
N ASP B 155 15.80 6.22 -23.02
CA ASP B 155 14.58 6.67 -23.67
C ASP B 155 13.40 6.00 -22.96
N VAL B 156 13.25 6.35 -21.69
CA VAL B 156 12.29 5.75 -20.77
C VAL B 156 11.87 6.77 -19.71
N PHE B 157 10.69 6.60 -19.16
CA PHE B 157 10.32 7.33 -17.96
C PHE B 157 9.48 6.41 -17.07
N SER B 158 9.55 6.66 -15.77
CA SER B 158 9.00 5.76 -14.77
C SER B 158 8.14 6.51 -13.78
N PHE B 159 7.08 5.84 -13.30
CA PHE B 159 6.12 6.44 -12.40
C PHE B 159 6.08 5.67 -11.09
N TYR B 160 6.14 6.43 -9.99
CA TYR B 160 5.82 5.94 -8.68
C TYR B 160 4.69 6.82 -8.17
N TYR B 161 3.59 6.20 -7.77
CA TYR B 161 2.47 6.89 -7.12
C TYR B 161 2.35 6.32 -5.74
N ASN B 162 2.56 7.15 -4.72
CA ASN B 162 2.52 6.70 -3.33
C ASN B 162 1.08 6.44 -2.92
N ARG B 163 0.90 5.61 -1.92
CA ARG B 163 -0.45 5.30 -1.46
C ARG B 163 -0.80 6.03 -0.18
N ASP B 164 0.03 7.02 0.17
CA ASP B 164 -0.20 7.85 1.33
C ASP B 164 -0.45 9.26 0.80
N SER B 165 -1.65 9.76 1.06
CA SER B 165 -2.06 11.12 0.66
C SER B 165 -2.22 12.04 1.87
N GLU B 166 -1.87 11.57 3.07
CA GLU B 166 -2.14 12.27 4.34
C GLU B 166 -0.96 13.12 4.85
N ASN B 167 0.26 12.56 4.81
CA ASN B 167 1.45 13.25 5.32
C ASN B 167 2.00 14.29 4.34
N SER B 170 5.78 13.35 3.60
CA SER B 170 5.86 12.19 2.71
C SER B 170 5.78 12.56 1.23
N LEU B 171 6.43 11.74 0.40
CA LEU B 171 6.48 11.90 -1.05
C LEU B 171 5.22 11.34 -1.70
N GLY B 172 4.42 12.21 -2.32
CA GLY B 172 3.17 11.79 -2.97
C GLY B 172 3.35 10.93 -4.21
N GLY B 173 4.41 11.20 -4.96
CA GLY B 173 4.75 10.39 -6.13
C GLY B 173 6.03 10.88 -6.76
N GLN B 174 6.47 10.19 -7.82
CA GLN B 174 7.72 10.53 -8.49
C GLN B 174 7.74 10.02 -9.92
N ILE B 175 8.10 10.90 -10.84
CA ILE B 175 8.40 10.55 -12.21
C ILE B 175 9.89 10.72 -12.43
N VAL B 176 10.55 9.66 -12.88
CA VAL B 176 11.95 9.73 -13.29
C VAL B 176 11.97 9.82 -14.81
N LEU B 177 12.55 10.89 -15.32
CA LEU B 177 12.80 11.04 -16.74
C LEU B 177 14.16 10.45 -17.05
N GLY B 178 14.19 9.45 -17.92
CA GLY B 178 15.42 8.84 -18.37
C GLY B 178 15.91 7.66 -17.55
N GLY B 179 15.06 7.14 -16.66
CA GLY B 179 15.39 5.95 -15.91
C GLY B 179 14.30 5.55 -14.94
N SER B 180 14.70 4.84 -13.89
CA SER B 180 13.82 4.46 -12.81
C SER B 180 14.55 4.71 -11.49
N ASP B 181 13.81 4.64 -10.38
CA ASP B 181 14.39 4.83 -9.03
C ASP B 181 14.23 3.54 -8.22
N PRO B 182 15.35 2.82 -7.99
CA PRO B 182 15.35 1.60 -7.15
C PRO B 182 14.81 1.79 -5.71
N GLN B 183 14.82 3.02 -5.20
CA GLN B 183 14.19 3.35 -3.91
C GLN B 183 12.68 3.06 -3.84
N HIS B 184 12.00 3.10 -4.99
CA HIS B 184 10.54 2.93 -5.04
C HIS B 184 10.03 1.64 -5.69
N TYR B 185 10.91 0.69 -6.00
CA TYR B 185 10.49 -0.62 -6.44
C TYR B 185 11.38 -1.72 -5.89
N GLU B 186 10.94 -2.95 -6.06
CA GLU B 186 11.67 -4.10 -5.55
C GLU B 186 11.33 -5.30 -6.41
N GLY B 187 12.18 -6.32 -6.34
CA GLY B 187 12.05 -7.49 -7.20
C GLY B 187 12.35 -7.12 -8.64
N ASN B 188 12.05 -8.04 -9.55
CA ASN B 188 12.36 -7.84 -10.96
C ASN B 188 11.27 -7.09 -11.68
N PHE B 189 11.68 -6.30 -12.67
CA PHE B 189 10.75 -5.75 -13.64
C PHE B 189 10.27 -6.90 -14.53
N HIS B 190 9.01 -6.84 -14.93
CA HIS B 190 8.47 -7.76 -15.94
C HIS B 190 7.84 -6.89 -17.02
N TYR B 191 8.22 -7.17 -18.26
CA TYR B 191 7.85 -6.30 -19.39
C TYR B 191 6.80 -6.91 -20.29
N ILE B 192 5.88 -6.07 -20.75
CA ILE B 192 4.90 -6.43 -21.76
C ILE B 192 5.10 -5.45 -22.94
N ASN B 193 5.25 -6.00 -24.14
CA ASN B 193 5.37 -5.18 -25.36
C ASN B 193 4.04 -4.53 -25.70
N LEU B 194 4.12 -3.35 -26.28
CA LEU B 194 2.93 -2.63 -26.72
C LEU B 194 2.30 -3.36 -27.91
N ILE B 195 0.99 -3.24 -28.04
CA ILE B 195 0.25 -3.77 -29.20
C ILE B 195 0.79 -3.10 -30.45
N LYS B 196 0.90 -1.78 -30.40
CA LYS B 196 1.57 -0.99 -31.43
C LYS B 196 2.28 0.21 -30.80
N THR B 197 3.28 0.72 -31.50
CA THR B 197 3.78 2.08 -31.23
C THR B 197 2.63 3.08 -31.47
N GLY B 198 2.60 4.13 -30.68
CA GLY B 198 1.57 5.17 -30.80
C GLY B 198 0.64 5.28 -29.60
N VAL B 199 0.55 4.21 -28.81
CA VAL B 199 -0.32 4.16 -27.63
C VAL B 199 0.36 3.32 -26.56
N TRP B 200 0.24 3.72 -25.30
CA TRP B 200 0.80 2.94 -24.17
C TRP B 200 -0.24 1.90 -23.79
N GLN B 201 -0.49 0.97 -24.70
CA GLN B 201 -1.54 -0.02 -24.56
C GLN B 201 -0.96 -1.39 -24.80
N ILE B 202 -1.36 -2.35 -23.98
CA ILE B 202 -0.83 -3.71 -24.02
C ILE B 202 -1.98 -4.70 -24.07
N GLN B 203 -1.66 -5.93 -24.45
CA GLN B 203 -2.64 -7.00 -24.41
C GLN B 203 -2.87 -7.41 -22.96
N MET B 204 -4.13 -7.72 -22.64
CA MET B 204 -4.48 -8.30 -21.36
C MET B 204 -5.16 -9.65 -21.65
N LYS B 205 -4.74 -10.68 -20.92
CA LYS B 205 -5.16 -12.06 -21.18
C LYS B 205 -6.20 -12.58 -20.18
N GLY B 206 -6.83 -11.70 -19.41
CA GLY B 206 -7.85 -12.09 -18.44
C GLY B 206 -7.96 -11.16 -17.25
N VAL B 207 -9.16 -11.08 -16.70
CA VAL B 207 -9.40 -10.38 -15.44
C VAL B 207 -10.15 -11.36 -14.54
N SER B 208 -9.54 -11.73 -13.41
CA SER B 208 -10.14 -12.69 -12.48
C SER B 208 -10.64 -12.01 -11.23
N VAL B 209 -11.82 -12.40 -10.77
CA VAL B 209 -12.32 -12.12 -9.43
C VAL B 209 -12.21 -13.41 -8.61
N GLY B 210 -11.42 -13.37 -7.54
CA GLY B 210 -11.14 -14.56 -6.76
C GLY B 210 -10.10 -15.42 -7.46
N THR B 213 -11.12 -16.67 -13.56
CA THR B 213 -11.13 -15.82 -14.76
C THR B 213 -12.55 -15.59 -15.27
N LEU B 214 -13.18 -14.52 -14.77
CA LEU B 214 -14.57 -14.18 -15.08
C LEU B 214 -14.73 -13.26 -16.30
N LEU B 215 -13.68 -12.49 -16.63
CA LEU B 215 -13.75 -11.47 -17.69
C LEU B 215 -12.53 -11.48 -18.59
N CYS B 216 -12.67 -10.88 -19.78
CA CYS B 216 -11.58 -10.80 -20.77
C CYS B 216 -11.04 -12.20 -21.12
N GLU B 217 -11.95 -13.15 -21.30
CA GLU B 217 -11.60 -14.58 -21.43
C GLU B 217 -10.73 -14.86 -22.66
N ASP B 218 -11.06 -14.22 -23.78
CA ASP B 218 -10.35 -14.40 -25.05
C ASP B 218 -9.50 -13.17 -25.39
N GLY B 219 -8.97 -12.51 -24.35
CA GLY B 219 -8.10 -11.35 -24.53
C GLY B 219 -8.84 -10.03 -24.65
N CYS B 220 -8.14 -8.96 -24.30
CA CYS B 220 -8.67 -7.60 -24.35
C CYS B 220 -7.50 -6.61 -24.35
N LEU B 221 -7.79 -5.32 -24.29
CA LEU B 221 -6.75 -4.29 -24.26
C LEU B 221 -6.68 -3.60 -22.90
N ALA B 222 -5.48 -3.20 -22.51
CA ALA B 222 -5.24 -2.43 -21.30
C ALA B 222 -4.39 -1.21 -21.60
N LEU B 223 -4.98 -0.03 -21.47
CA LEU B 223 -4.26 1.23 -21.56
C LEU B 223 -3.61 1.47 -20.20
N VAL B 224 -2.28 1.59 -20.16
CA VAL B 224 -1.57 1.90 -18.92
C VAL B 224 -1.54 3.41 -18.84
N ASP B 225 -2.39 3.95 -17.96
CA ASP B 225 -2.88 5.33 -18.03
C ASP B 225 -2.59 6.08 -16.72
N THR B 226 -1.47 6.80 -16.70
CA THR B 226 -1.04 7.52 -15.50
C THR B 226 -1.98 8.69 -15.13
N GLY B 227 -2.74 9.19 -16.10
CA GLY B 227 -3.72 10.24 -15.86
C GLY B 227 -5.10 9.76 -15.43
N ALA B 228 -5.34 8.46 -15.43
CA ALA B 228 -6.58 7.88 -14.93
C ALA B 228 -6.44 7.61 -13.43
N SER B 229 -7.43 8.04 -12.64
CA SER B 229 -7.43 7.81 -11.20
C SER B 229 -7.63 6.34 -10.85
N TYR B 230 -8.43 5.66 -11.66
CA TYR B 230 -8.93 4.35 -11.32
C TYR B 230 -8.50 3.29 -12.33
N ILE B 231 -8.82 2.05 -11.99
CA ILE B 231 -8.91 1.00 -12.97
C ILE B 231 -10.29 1.17 -13.62
N SER B 232 -10.33 1.12 -14.94
CA SER B 232 -11.59 1.14 -15.66
C SER B 232 -11.65 0.05 -16.71
N GLY B 233 -12.88 -0.35 -17.00
CA GLY B 233 -13.23 -1.19 -18.13
C GLY B 233 -14.47 -0.60 -18.76
N SER B 234 -14.99 -1.31 -19.76
CA SER B 234 -16.26 -0.93 -20.38
C SER B 234 -17.42 -1.14 -19.39
N THR B 235 -18.49 -0.37 -19.60
CA THR B 235 -19.71 -0.46 -18.78
C THR B 235 -20.16 -1.91 -18.58
N SER B 236 -20.20 -2.68 -19.68
CA SER B 236 -20.59 -4.10 -19.61
C SER B 236 -19.57 -4.94 -18.84
N SER B 237 -18.28 -4.68 -19.05
CA SER B 237 -17.22 -5.39 -18.30
C SER B 237 -17.31 -5.10 -16.80
N ILE B 238 -17.44 -3.82 -16.47
CA ILE B 238 -17.52 -3.38 -15.08
C ILE B 238 -18.82 -3.79 -14.41
N GLU B 239 -19.94 -3.80 -15.14
CA GLU B 239 -21.20 -4.33 -14.60
C GLU B 239 -21.08 -5.78 -14.16
N LYS B 240 -20.39 -6.59 -14.97
CA LYS B 240 -20.13 -7.99 -14.63
C LYS B 240 -19.18 -8.08 -13.44
N LEU B 241 -18.08 -7.34 -13.48
CA LEU B 241 -17.11 -7.29 -12.38
C LEU B 241 -17.79 -6.91 -11.06
N MET B 242 -18.60 -5.86 -11.11
CA MET B 242 -19.28 -5.33 -9.93
C MET B 242 -20.41 -6.24 -9.41
N GLU B 243 -21.12 -6.89 -10.33
CA GLU B 243 -22.12 -7.90 -9.94
C GLU B 243 -21.46 -8.99 -9.09
N ALA B 244 -20.25 -9.39 -9.48
CA ALA B 244 -19.48 -10.42 -8.77
C ALA B 244 -18.96 -9.96 -7.41
N LEU B 245 -18.57 -8.68 -7.31
CA LEU B 245 -18.21 -8.09 -6.02
C LEU B 245 -19.41 -7.81 -5.10
N GLY B 246 -20.63 -7.79 -5.65
CA GLY B 246 -21.83 -7.46 -4.87
C GLY B 246 -21.93 -5.96 -4.64
N ALA B 247 -21.41 -5.20 -5.58
CA ALA B 247 -21.29 -3.75 -5.45
C ALA B 247 -22.50 -3.08 -6.11
N LYS B 248 -22.84 -1.90 -5.61
CA LYS B 248 -24.03 -1.17 -6.02
C LYS B 248 -23.62 -0.03 -6.95
N LYS B 249 -24.28 0.07 -8.11
CA LYS B 249 -24.00 1.13 -9.07
C LYS B 249 -24.62 2.43 -8.58
N ARG B 250 -23.82 3.48 -8.53
CA ARG B 250 -24.32 4.83 -8.34
C ARG B 250 -23.99 5.61 -9.62
N LEU B 251 -24.24 6.91 -9.61
CA LEU B 251 -24.09 7.72 -10.81
C LEU B 251 -22.66 7.71 -11.37
N PHE B 252 -21.68 8.04 -10.53
CA PHE B 252 -20.27 8.17 -10.95
C PHE B 252 -19.36 7.07 -10.42
N ASP B 253 -19.88 6.17 -9.59
CA ASP B 253 -19.04 5.20 -8.93
C ASP B 253 -19.84 4.00 -8.48
N TYR B 254 -19.11 2.99 -8.03
CA TYR B 254 -19.68 1.82 -7.41
C TYR B 254 -19.29 1.85 -5.94
N VAL B 255 -20.17 1.30 -5.10
CA VAL B 255 -19.99 1.29 -3.66
C VAL B 255 -20.36 -0.05 -3.06
N VAL B 256 -19.71 -0.37 -1.94
CA VAL B 256 -20.10 -1.46 -1.06
C VAL B 256 -20.36 -0.84 0.30
N LYS B 257 -21.09 -1.54 1.15
CA LYS B 257 -21.21 -1.13 2.55
C LYS B 257 -19.79 -1.25 3.13
N CYS B 258 -19.34 -0.22 3.85
CA CYS B 258 -17.95 -0.16 4.30
C CYS B 258 -17.47 -1.39 5.06
N ASN B 259 -18.36 -2.03 5.82
CA ASN B 259 -18.04 -3.31 6.48
C ASN B 259 -17.69 -4.48 5.54
N GLU B 260 -18.21 -4.44 4.31
CA GLU B 260 -17.96 -5.50 3.31
C GLU B 260 -16.60 -5.36 2.63
N GLY B 261 -15.98 -4.18 2.75
CA GLY B 261 -14.70 -3.88 2.11
C GLY B 261 -13.61 -4.94 2.26
N PRO B 262 -13.23 -5.28 3.50
CA PRO B 262 -12.23 -6.33 3.73
C PRO B 262 -12.59 -7.72 3.18
N THR B 263 -13.88 -8.01 3.06
CA THR B 263 -14.34 -9.32 2.58
C THR B 263 -14.31 -9.46 1.05
N LEU B 264 -14.05 -8.37 0.32
CA LEU B 264 -14.10 -8.41 -1.13
C LEU B 264 -12.93 -9.21 -1.69
N PRO B 265 -13.17 -9.95 -2.77
CA PRO B 265 -12.14 -10.84 -3.30
C PRO B 265 -11.03 -10.11 -4.02
N ASP B 266 -9.95 -10.85 -4.28
CA ASP B 266 -8.85 -10.34 -5.10
C ASP B 266 -9.31 -10.16 -6.54
N ILE B 267 -8.71 -9.17 -7.21
CA ILE B 267 -8.91 -8.95 -8.63
C ILE B 267 -7.55 -8.99 -9.30
N SER B 268 -7.40 -9.90 -10.27
CA SER B 268 -6.14 -10.17 -10.95
C SER B 268 -6.21 -9.81 -12.41
N PHE B 269 -5.12 -9.24 -12.92
CA PHE B 269 -5.02 -8.80 -14.29
C PHE B 269 -3.88 -9.59 -14.92
N HIS B 270 -4.22 -10.46 -15.88
CA HIS B 270 -3.24 -11.29 -16.56
C HIS B 270 -2.54 -10.44 -17.66
N LEU B 271 -1.34 -9.96 -17.34
CA LEU B 271 -0.53 -9.14 -18.24
C LEU B 271 0.83 -9.80 -18.52
N GLY B 272 1.11 -10.07 -19.79
CA GLY B 272 2.40 -10.60 -20.25
C GLY B 272 2.97 -11.76 -19.46
N GLY B 273 2.15 -12.79 -19.26
CA GLY B 273 2.60 -13.99 -18.55
C GLY B 273 2.47 -13.99 -17.02
N LYS B 274 2.49 -12.81 -16.40
CA LYS B 274 2.31 -12.69 -14.95
C LYS B 274 0.88 -12.28 -14.59
N GLU B 275 0.54 -12.53 -13.34
CA GLU B 275 -0.75 -12.19 -12.78
C GLU B 275 -0.51 -11.01 -11.84
N TYR B 276 -1.20 -9.90 -12.10
CA TYR B 276 -1.06 -8.67 -11.29
C TYR B 276 -2.31 -8.55 -10.45
N THR B 277 -2.16 -8.82 -9.17
CA THR B 277 -3.28 -9.00 -8.28
C THR B 277 -3.41 -7.83 -7.33
N LEU B 278 -4.64 -7.29 -7.26
CA LEU B 278 -5.02 -6.29 -6.27
C LEU B 278 -5.90 -6.96 -5.23
N THR B 279 -5.64 -6.69 -3.96
CA THR B 279 -6.54 -7.07 -2.88
C THR B 279 -7.55 -5.93 -2.65
N SER B 280 -8.56 -6.19 -1.84
CA SER B 280 -9.55 -5.16 -1.48
C SER B 280 -8.91 -3.88 -0.91
N ALA B 281 -7.85 -4.02 -0.14
CA ALA B 281 -7.08 -2.87 0.36
C ALA B 281 -6.50 -2.01 -0.76
N ASP B 282 -6.26 -2.58 -1.93
CA ASP B 282 -5.75 -1.86 -3.10
C ASP B 282 -6.82 -1.15 -3.94
N TYR B 283 -8.09 -1.52 -3.83
CA TYR B 283 -9.15 -0.88 -4.63
C TYR B 283 -10.37 -0.35 -3.88
N VAL B 284 -10.41 -0.49 -2.55
CA VAL B 284 -11.50 0.07 -1.74
C VAL B 284 -10.99 1.31 -1.03
N PHE B 285 -11.76 2.40 -1.08
CA PHE B 285 -11.54 3.53 -0.21
C PHE B 285 -12.18 3.25 1.15
N GLN B 286 -11.41 2.61 2.05
CA GLN B 286 -11.87 2.34 3.42
C GLN B 286 -11.88 3.60 4.28
N GLU B 287 -12.92 4.42 4.16
CA GLU B 287 -13.07 5.60 5.01
C GLU B 287 -13.66 5.22 6.36
N SER B 288 -14.28 4.04 6.43
CA SER B 288 -14.89 3.53 7.64
C SER B 288 -14.98 1.99 7.56
N TYR B 289 -15.39 1.35 8.66
CA TYR B 289 -15.81 -0.06 8.68
C TYR B 289 -17.29 -0.18 9.05
N SER B 290 -17.98 0.96 9.08
CA SER B 290 -19.38 1.03 9.46
C SER B 290 -20.25 0.31 8.45
N SER B 291 -21.21 -0.46 8.95
CA SER B 291 -22.21 -1.10 8.11
C SER B 291 -23.33 -0.16 7.66
N LYS B 292 -23.34 1.09 8.14
CA LYS B 292 -24.31 2.10 7.73
C LYS B 292 -23.70 3.22 6.87
N LYS B 293 -22.44 3.09 6.50
CA LYS B 293 -21.80 3.98 5.52
C LYS B 293 -21.46 3.19 4.28
N LEU B 294 -21.32 3.91 3.16
CA LEU B 294 -20.93 3.32 1.89
C LEU B 294 -19.51 3.75 1.57
N CYS B 295 -18.80 2.88 0.85
CA CYS B 295 -17.39 3.06 0.59
C CYS B 295 -17.17 2.85 -0.91
N THR B 296 -16.49 3.81 -1.54
CA THR B 296 -16.31 3.81 -2.97
C THR B 296 -15.20 2.85 -3.37
N LEU B 297 -15.33 2.26 -4.55
CA LEU B 297 -14.29 1.43 -5.12
C LEU B 297 -13.50 2.25 -6.11
N ALA B 298 -12.20 1.94 -6.19
CA ALA B 298 -11.31 2.65 -7.12
C ALA B 298 -11.28 1.93 -8.49
N ILE B 299 -12.47 1.53 -8.94
CA ILE B 299 -12.68 0.87 -10.22
C ILE B 299 -13.99 1.41 -10.78
N HIS B 300 -13.92 2.01 -11.97
CA HIS B 300 -15.07 2.69 -12.58
C HIS B 300 -15.35 2.11 -13.95
N ALA B 301 -16.56 2.36 -14.46
CA ALA B 301 -16.85 2.18 -15.87
C ALA B 301 -16.31 3.39 -16.60
N MET B 302 -15.63 3.15 -17.73
CA MET B 302 -15.20 4.24 -18.61
C MET B 302 -15.16 3.67 -20.03
N ASP B 303 -16.07 4.14 -20.87
CA ASP B 303 -16.18 3.67 -22.25
C ASP B 303 -15.32 4.56 -23.14
N ILE B 304 -14.14 4.05 -23.49
CA ILE B 304 -13.21 4.74 -24.36
C ILE B 304 -13.55 4.31 -25.79
N PRO B 305 -13.78 5.28 -26.69
CA PRO B 305 -14.20 4.91 -28.06
C PRO B 305 -13.03 4.46 -28.94
N PRO B 306 -13.31 3.75 -30.05
CA PRO B 306 -12.22 3.38 -30.96
C PRO B 306 -11.54 4.59 -31.63
N PRO B 307 -10.34 4.42 -32.22
CA PRO B 307 -9.65 3.13 -32.33
C PRO B 307 -8.90 2.67 -31.06
N THR B 308 -8.81 3.50 -30.03
CA THR B 308 -8.15 3.13 -28.76
C THR B 308 -8.95 2.09 -28.00
N GLY B 309 -10.26 2.29 -27.88
CA GLY B 309 -11.16 1.37 -27.20
C GLY B 309 -12.11 0.58 -28.10
N PRO B 310 -12.98 -0.26 -27.52
CA PRO B 310 -13.10 -0.50 -26.07
C PRO B 310 -11.81 -1.05 -25.44
N THR B 311 -11.48 -0.56 -24.26
CA THR B 311 -10.27 -0.98 -23.56
C THR B 311 -10.42 -0.79 -22.08
N TRP B 312 -9.67 -1.58 -21.31
CA TRP B 312 -9.47 -1.30 -19.90
C TRP B 312 -8.45 -0.19 -19.80
N ALA B 313 -8.45 0.52 -18.67
CA ALA B 313 -7.41 1.48 -18.35
C ALA B 313 -6.89 1.16 -16.95
N LEU B 314 -5.56 1.00 -16.84
CA LEU B 314 -4.92 0.72 -15.58
C LEU B 314 -4.33 2.03 -15.08
N GLY B 315 -5.03 2.64 -14.12
CA GLY B 315 -4.69 3.99 -13.63
C GLY B 315 -3.99 3.95 -12.29
N ALA B 316 -4.20 4.98 -11.48
CA ALA B 316 -3.44 5.12 -10.24
C ALA B 316 -3.67 3.97 -9.25
N THR B 317 -4.88 3.40 -9.24
CA THR B 317 -5.17 2.21 -8.43
C THR B 317 -4.17 1.07 -8.70
N PHE B 318 -3.84 0.83 -9.97
CA PHE B 318 -2.85 -0.19 -10.37
C PHE B 318 -1.40 0.26 -10.14
N ILE B 319 -1.08 1.49 -10.55
CA ILE B 319 0.28 2.04 -10.45
C ILE B 319 0.74 2.17 -9.01
N ARG B 320 -0.20 2.45 -8.08
CA ARG B 320 0.15 2.45 -6.65
C ARG B 320 0.83 1.15 -6.20
N LYS B 321 0.33 0.02 -6.67
CA LYS B 321 0.92 -1.27 -6.32
C LYS B 321 2.10 -1.64 -7.22
N PHE B 322 2.05 -1.19 -8.47
CA PHE B 322 3.07 -1.55 -9.45
C PHE B 322 3.74 -0.32 -10.07
N TYR B 323 4.97 -0.07 -9.61
CA TYR B 323 5.89 0.88 -10.20
C TYR B 323 6.00 0.57 -11.67
N THR B 324 5.88 1.59 -12.51
CA THR B 324 5.73 1.39 -13.95
C THR B 324 6.82 2.14 -14.70
N GLU B 325 7.49 1.42 -15.60
CA GLU B 325 8.45 2.03 -16.52
C GLU B 325 7.82 2.04 -17.89
N PHE B 326 7.87 3.19 -18.55
CA PHE B 326 7.42 3.35 -19.92
C PHE B 326 8.64 3.49 -20.82
N ASP B 327 8.90 2.46 -21.62
CA ASP B 327 10.14 2.34 -22.36
C ASP B 327 9.87 2.68 -23.84
N ARG B 328 10.26 3.89 -24.24
CA ARG B 328 10.09 4.33 -25.63
C ARG B 328 11.07 3.69 -26.63
N ARG B 329 12.28 3.33 -26.19
CA ARG B 329 13.26 2.70 -27.08
C ARG B 329 12.81 1.32 -27.55
N ASN B 330 12.22 0.56 -26.64
CA ASN B 330 11.80 -0.82 -26.90
C ASN B 330 10.28 -1.00 -27.07
N ASN B 331 9.51 0.08 -26.92
CA ASN B 331 8.05 0.03 -26.97
C ASN B 331 7.48 -1.09 -26.11
N ARG B 332 7.73 -0.97 -24.82
CA ARG B 332 7.23 -1.89 -23.82
C ARG B 332 7.01 -1.15 -22.53
N ILE B 333 6.27 -1.78 -21.63
CA ILE B 333 6.01 -1.27 -20.30
C ILE B 333 6.53 -2.30 -19.31
N GLY B 334 7.29 -1.84 -18.32
CA GLY B 334 7.82 -2.69 -17.26
C GLY B 334 7.06 -2.42 -15.98
N PHE B 335 6.62 -3.48 -15.31
CA PHE B 335 6.02 -3.38 -13.99
C PHE B 335 6.90 -4.04 -12.96
N ALA B 336 7.04 -3.39 -11.81
CA ALA B 336 7.66 -4.00 -10.62
C ALA B 336 6.83 -3.62 -9.40
N LEU B 337 6.98 -4.41 -8.33
CA LEU B 337 6.33 -4.12 -7.05
C LEU B 337 6.81 -2.79 -6.50
N ALA B 338 5.89 -1.84 -6.31
CA ALA B 338 6.24 -0.56 -5.71
C ALA B 338 6.60 -0.71 -4.23
N ARG B 339 7.41 0.22 -3.73
CA ARG B 339 7.65 0.38 -2.31
C ARG B 339 7.85 1.85 -1.91
C1 NAG C . 1.53 27.15 -36.21
C2 NAG C . 1.90 28.18 -37.28
C3 NAG C . 1.85 27.60 -38.68
C4 NAG C . 2.58 26.27 -38.77
C5 NAG C . 2.12 25.33 -37.66
C6 NAG C . 2.82 23.97 -37.66
C7 NAG C . 1.39 30.58 -36.94
C8 NAG C . 0.35 31.64 -37.11
N2 NAG C . 1.03 29.35 -37.33
O3 NAG C . 2.44 28.54 -39.60
O4 NAG C . 2.30 25.70 -40.06
O5 NAG C . 2.30 25.96 -36.38
O6 NAG C . 4.17 24.06 -38.11
O7 NAG C . 2.50 30.84 -36.47
C1 NAG C . 3.43 25.70 -40.95
C2 NAG C . 3.20 24.68 -42.06
C3 NAG C . 4.38 24.68 -43.04
C4 NAG C . 4.75 26.10 -43.49
C5 NAG C . 4.86 27.06 -42.30
C6 NAG C . 5.07 28.52 -42.73
C7 NAG C . 1.80 22.85 -41.16
C8 NAG C . 1.78 21.46 -40.58
N2 NAG C . 3.00 23.35 -41.49
O3 NAG C . 4.05 23.88 -44.17
O4 NAG C . 6.00 26.05 -44.20
O5 NAG C . 3.66 26.99 -41.51
O6 NAG C . 3.87 29.05 -43.30
O7 NAG C . 0.75 23.47 -41.31
C1 NAG D . 8.23 -33.54 6.03
C2 NAG D . 9.14 -34.68 5.59
C3 NAG D . 9.72 -35.35 6.83
C4 NAG D . 10.48 -34.33 7.66
C5 NAG D . 9.70 -33.03 7.87
C6 NAG D . 10.60 -31.92 8.40
C7 NAG D . 8.75 -35.94 3.50
C8 NAG D . 7.89 -36.95 2.79
N2 NAG D . 8.41 -35.65 4.77
O3 NAG D . 10.60 -36.41 6.44
O4 NAG D . 10.79 -34.90 8.94
O5 NAG D . 9.08 -32.58 6.66
O6 NAG D . 9.89 -31.08 9.32
O7 NAG D . 9.70 -35.44 2.92
C5 74Z E . -7.52 -12.20 15.44
C7 74Z E . -6.20 -14.11 15.22
C10 74Z E . -2.99 -16.55 14.92
C13 74Z E . -2.38 -13.62 15.24
C15 74Z E . -5.03 -13.34 15.29
C17 74Z E . -2.43 -9.25 14.06
C1 74Z E . -4.12 -9.71 15.92
N2 74Z E . -4.09 -11.12 15.54
C3 74Z E . -5.21 -11.93 15.45
N4 74Z E . -6.45 -11.43 15.51
N6 74Z E . -7.41 -13.51 15.29
S8 74Z E . -5.78 -15.80 15.03
C9 74Z E . -4.07 -15.47 15.06
C11 74Z E . -1.57 -15.98 15.10
C12 74Z E . -1.44 -14.57 14.50
C14 74Z E . -3.82 -14.16 15.20
C16 74Z E . -2.97 -8.99 15.27
C18 74Z E . -1.39 -8.33 13.88
C19 74Z E . -1.34 -7.54 14.96
O20 74Z E . -2.30 -7.95 15.81
S DMS F . 23.94 -6.03 12.44
O DMS F . 24.12 -6.49 11.04
C1 DMS F . 24.29 -4.35 12.50
C2 DMS F . 22.30 -6.03 12.85
S DMS G . -9.42 -8.76 16.75
O DMS G . -9.30 -7.82 15.62
C1 DMS G . -7.87 -9.19 17.34
C2 DMS G . -10.02 -7.94 18.12
S DMS H . -4.89 -11.04 20.30
O DMS H . -4.08 -9.82 20.13
C1 DMS H . -6.49 -10.58 20.69
C2 DMS H . -5.11 -11.75 18.78
S DMS I . -4.22 -15.02 -7.22
O DMS I . -4.01 -16.29 -6.51
C1 DMS I . -2.76 -14.14 -7.24
C2 DMS I . -4.41 -15.35 -8.89
S DMS J . -16.22 -7.41 8.40
O DMS J . -15.81 -6.88 9.72
C1 DMS J . -15.80 -9.07 8.31
C2 DMS J . -17.92 -7.54 8.36
C1 PEG K . 6.68 9.99 32.93
O1 PEG K . 6.08 10.77 31.89
C2 PEG K . 8.14 9.67 32.61
O2 PEG K . 8.49 8.36 33.07
C3 PEG K . 8.63 8.25 34.49
C4 PEG K . 8.76 6.79 34.89
O4 PEG K . 8.87 6.66 36.30
OH2 1PE L . 21.73 -15.49 12.32
C12 1PE L . 22.90 -16.17 12.80
C22 1PE L . 23.60 -15.33 13.86
OH3 1PE L . 23.30 -15.83 15.17
C13 1PE L . 23.35 -15.55 17.56
C23 1PE L . 23.59 -14.89 16.20
OH4 1PE L . 23.03 -14.56 18.54
C14 1PE L . 23.82 -12.64 19.78
C24 1PE L . 24.17 -14.00 19.18
OH5 1PE L . 23.66 -12.75 21.20
C15 1PE L . 22.80 -11.31 22.96
C25 1PE L . 23.91 -11.55 21.95
OH6 1PE L . 22.14 -12.54 23.26
C16 1PE L . 20.62 -13.79 24.63
C26 1PE L . 21.13 -12.41 24.26
OH7 1PE L . 21.56 -14.44 25.50
S DMS M . 3.93 -5.10 -1.40
O DMS M . 3.75 -4.45 -0.09
C1 DMS M . 4.09 -6.78 -1.17
C2 DMS M . 2.44 -5.04 -2.23
OH2 1PE N . -5.97 13.11 -15.78
C12 1PE N . -5.76 13.18 -17.20
C22 1PE N . -6.30 14.52 -17.69
OH3 1PE N . -7.71 14.52 -17.60
C13 1PE N . -9.70 15.79 -17.21
C23 1PE N . -8.31 15.80 -17.84
OH4 1PE N . -9.53 15.71 -15.81
C14 1PE N . -10.92 15.61 -13.87
C24 1PE N . -10.36 16.52 -14.97
OH5 1PE N . -10.38 15.93 -12.59
C15 1PE N . -12.12 14.87 -11.18
C25 1PE N . -11.35 16.14 -11.55
OH6 1PE N . -13.48 14.97 -11.62
C16 1PE N . -15.48 13.73 -12.25
C26 1PE N . -14.31 13.86 -11.26
OH7 1PE N . -16.67 13.27 -11.58
C1 PEG O . 11.35 -1.72 -30.76
O1 PEG O . 12.31 -2.71 -31.13
C2 PEG O . 10.81 -1.00 -31.99
O2 PEG O . 9.41 -0.75 -31.81
C3 PEG O . 8.48 -1.36 -32.72
C4 PEG O . 7.61 -2.37 -31.98
O4 PEG O . 6.33 -1.79 -31.69
S DMS P . -4.07 11.65 -12.46
O DMS P . -3.30 12.54 -11.57
C1 DMS P . -4.06 10.07 -11.82
C2 DMS P . -5.73 12.05 -12.39
S DMS Q . -7.25 2.22 -2.54
O DMS Q . -6.07 2.42 -3.42
C1 DMS Q . -6.82 2.73 -0.97
C2 DMS Q . -8.40 3.41 -2.95
S DMS R . -8.80 24.36 -7.41
O DMS R . -10.08 24.33 -8.16
C1 DMS R . -7.80 25.64 -7.95
C2 DMS R . -9.06 24.84 -5.79
S DMS S . -19.77 4.44 -12.81
O DMS S . -18.67 3.45 -12.86
C1 DMS S . -20.17 4.95 -14.39
C2 DMS S . -21.24 3.67 -12.38
S DMS T . -10.59 29.36 -29.14
O DMS T . -10.89 28.06 -28.50
C1 DMS T . -11.54 30.60 -28.46
C2 DMS T . -9.03 29.89 -28.68
S DMS U . -7.04 13.86 -27.25
O DMS U . -8.11 14.86 -27.52
C1 DMS U . -6.67 13.86 -25.58
C2 DMS U . -7.72 12.31 -27.48
#